data_2OGD
#
_entry.id   2OGD
#
_cell.length_a   134.613
_cell.length_b   118.370
_cell.length_c   62.758
_cell.angle_alpha   90.00
_cell.angle_beta   112.16
_cell.angle_gamma   90.00
#
_symmetry.space_group_name_H-M   'C 1 2 1'
#
loop_
_entity.id
_entity.type
_entity.pdbx_description
1 polymer 'Farnesyl pyrophosphate synthase'
2 non-polymer 'ACETATE ION'
3 non-polymer 'MAGNESIUM ION'
4 non-polymer '[2-(DIMETHYL-LAMBDA~4~-SULFANYL)-1-HYDROXYETHANE-1,1-DIYL]BIS(PHOSPHONIC ACID)'
5 non-polymer BETA-MERCAPTOETHANOL
6 non-polymer (4S)-2-METHYL-2,4-PENTANEDIOL
7 water water
#
_entity_poly.entity_id   1
_entity_poly.type   'polypeptide(L)'
_entity_poly.pdbx_seq_one_letter_code
;MGSSHHHHHHSSGLVPRGSHMASMPMQMFMQVYDEIQMFLLEELELKFDMDPNRVRYLRKMMDTTCLGGKYNRGLTVIDV
AESLLSLSPNNNGEEDDGARRKRVLHDACVCGWMIEFLQAHYLVEDDIMDNSVTRRGKPCWYRHPDVTVQCAINDGLLLK
SWTHMMAMHFFADRPFLQDLLCRFNRVDYTTAVGQLYDVTSMFDSNKLDPDVSQPTTTDFAEFTLSNYKRIVKYKTAYYT
YLLPLVMGLIVSEALPTVDMGVTEELAMLMGEYFQVQDDVMDCFTPPERLGKVGTDIQDAKCSWLAVTFLAKASSAQVAE
FKANYGSGDSEKVATVRRLYEEADLQGDYVAYEAAVAEQVKELIEKLRLCSPGFAASVETLWGKTYKRQK
;
_entity_poly.pdbx_strand_id   A,B
#
# COMPACT_ATOMS: atom_id res chain seq x y z
N MET A 24 -30.62 -9.32 -10.22
CA MET A 24 -30.81 -7.88 -9.90
C MET A 24 -29.58 -7.35 -9.16
N PRO A 25 -29.16 -8.04 -8.09
CA PRO A 25 -27.97 -7.55 -7.37
C PRO A 25 -26.78 -7.27 -8.27
N MET A 26 -26.47 -8.20 -9.17
CA MET A 26 -25.34 -8.01 -10.07
C MET A 26 -25.45 -6.78 -10.97
N GLN A 27 -26.65 -6.52 -11.48
CA GLN A 27 -26.84 -5.37 -12.37
C GLN A 27 -26.68 -4.02 -11.65
N MET A 28 -27.21 -3.90 -10.42
CA MET A 28 -27.04 -2.63 -9.73
C MET A 28 -25.58 -2.52 -9.27
N PHE A 29 -24.99 -3.65 -8.88
CA PHE A 29 -23.60 -3.65 -8.44
C PHE A 29 -22.68 -3.15 -9.56
N MET A 30 -22.95 -3.57 -10.80
CA MET A 30 -22.14 -3.12 -11.93
C MET A 30 -22.46 -1.67 -12.29
N GLN A 31 -23.69 -1.24 -12.05
CA GLN A 31 -24.04 0.15 -12.36
C GLN A 31 -23.19 1.07 -11.49
N VAL A 32 -23.05 0.72 -10.22
CA VAL A 32 -22.28 1.53 -9.29
C VAL A 32 -20.78 1.48 -9.63
N TYR A 33 -20.34 0.39 -10.27
CA TYR A 33 -18.95 0.27 -10.66
C TYR A 33 -18.61 1.33 -11.71
N ASP A 34 -19.55 1.56 -12.65
CA ASP A 34 -19.35 2.55 -13.70
C ASP A 34 -19.34 3.94 -13.07
N GLU A 35 -20.26 4.13 -12.13
CA GLU A 35 -20.38 5.39 -11.42
C GLU A 35 -19.08 5.67 -10.66
N ILE A 36 -18.55 4.65 -10.01
CA ILE A 36 -17.30 4.79 -9.28
C ILE A 36 -16.16 5.06 -10.25
N GLN A 37 -16.08 4.28 -11.33
CA GLN A 37 -15.01 4.45 -12.31
C GLN A 37 -15.02 5.82 -12.94
N MET A 38 -16.22 6.34 -13.21
CA MET A 38 -16.35 7.66 -13.82
C MET A 38 -15.80 8.74 -12.88
N PHE A 39 -16.23 8.71 -11.63
CA PHE A 39 -15.77 9.70 -10.65
C PHE A 39 -14.25 9.73 -10.51
N LEU A 40 -13.65 8.56 -10.36
CA LEU A 40 -12.20 8.46 -10.19
C LEU A 40 -11.39 8.93 -11.40
N LEU A 41 -11.74 8.39 -12.58
CA LEU A 41 -11.00 8.76 -13.77
C LEU A 41 -11.14 10.22 -14.14
N GLU A 42 -12.36 10.75 -14.05
CA GLU A 42 -12.58 12.15 -14.37
C GLU A 42 -11.84 13.05 -13.38
N GLU A 43 -11.74 12.60 -12.13
CA GLU A 43 -11.06 13.39 -11.12
C GLU A 43 -9.58 13.51 -11.46
N LEU A 44 -8.96 12.40 -11.85
CA LEU A 44 -7.54 12.42 -12.22
C LEU A 44 -7.32 13.34 -13.39
N GLU A 45 -8.26 13.31 -14.32
CA GLU A 45 -8.21 14.13 -15.52
C GLU A 45 -8.36 15.61 -15.19
N LEU A 46 -9.26 15.93 -14.26
CA LEU A 46 -9.53 17.31 -13.87
C LEU A 46 -8.71 17.93 -12.74
N LYS A 47 -8.33 17.13 -11.74
CA LYS A 47 -7.57 17.65 -10.60
C LYS A 47 -6.14 17.16 -10.46
N PHE A 48 -5.77 16.15 -11.23
CA PHE A 48 -4.43 15.61 -11.15
C PHE A 48 -3.63 15.78 -12.44
N ASP A 49 -4.15 16.62 -13.32
CA ASP A 49 -3.51 16.93 -14.60
C ASP A 49 -3.11 15.68 -15.36
N MET A 50 -3.95 14.65 -15.33
CA MET A 50 -3.60 13.42 -16.02
C MET A 50 -3.99 13.41 -17.50
N ASP A 51 -3.10 12.85 -18.31
CA ASP A 51 -3.29 12.76 -19.76
C ASP A 51 -4.19 11.60 -20.15
N PRO A 52 -4.74 11.64 -21.39
CA PRO A 52 -5.63 10.59 -21.88
C PRO A 52 -4.98 9.20 -21.95
N ASN A 53 -3.68 9.16 -22.23
CA ASN A 53 -3.01 7.87 -22.32
C ASN A 53 -2.94 7.15 -20.97
N ARG A 54 -2.66 7.90 -19.90
CA ARG A 54 -2.57 7.31 -18.57
C ARG A 54 -3.96 7.08 -17.97
N VAL A 55 -4.94 7.89 -18.37
CA VAL A 55 -6.30 7.68 -17.86
C VAL A 55 -6.76 6.35 -18.43
N ARG A 56 -6.43 6.12 -19.70
CA ARG A 56 -6.78 4.88 -20.41
C ARG A 56 -6.09 3.67 -19.77
N TYR A 57 -4.81 3.82 -19.47
CA TYR A 57 -4.05 2.75 -18.86
C TYR A 57 -4.70 2.40 -17.51
N LEU A 58 -5.02 3.42 -16.73
CA LEU A 58 -5.63 3.19 -15.42
C LEU A 58 -7.01 2.56 -15.53
N ARG A 59 -7.77 2.90 -16.57
CA ARG A 59 -9.09 2.31 -16.73
C ARG A 59 -8.96 0.81 -16.95
N LYS A 60 -8.00 0.41 -17.79
CA LYS A 60 -7.78 -1.00 -18.07
C LYS A 60 -7.27 -1.69 -16.81
N MET A 61 -6.40 -1.00 -16.07
CA MET A 61 -5.84 -1.53 -14.84
C MET A 61 -7.00 -1.84 -13.90
N MET A 62 -7.91 -0.87 -13.77
CA MET A 62 -9.07 -1.03 -12.90
C MET A 62 -9.94 -2.22 -13.31
N ASP A 63 -10.32 -2.28 -14.58
CA ASP A 63 -11.15 -3.37 -15.08
C ASP A 63 -10.48 -4.73 -14.94
N THR A 64 -9.20 -4.81 -15.29
CA THR A 64 -8.46 -6.06 -15.22
C THR A 64 -8.22 -6.59 -13.81
N THR A 65 -7.95 -5.69 -12.87
CA THR A 65 -7.70 -6.10 -11.49
C THR A 65 -8.94 -6.14 -10.60
N CYS A 66 -9.98 -5.38 -10.97
CA CYS A 66 -11.19 -5.35 -10.15
C CYS A 66 -12.37 -6.19 -10.63
N LEU A 67 -12.40 -6.52 -11.92
CA LEU A 67 -13.50 -7.31 -12.48
C LEU A 67 -13.08 -8.73 -12.88
N GLY A 68 -14.07 -9.61 -13.03
CA GLY A 68 -13.77 -10.97 -13.44
C GLY A 68 -13.84 -12.02 -12.36
N GLY A 69 -13.85 -11.62 -11.09
CA GLY A 69 -13.93 -12.60 -10.03
C GLY A 69 -15.36 -13.03 -9.76
N LYS A 70 -15.58 -13.65 -8.59
CA LYS A 70 -16.92 -14.12 -8.23
C LYS A 70 -17.76 -13.01 -7.56
N TYR A 71 -17.07 -11.96 -7.12
CA TYR A 71 -17.69 -10.81 -6.44
C TYR A 71 -18.43 -11.26 -5.16
N ASN A 72 -18.01 -12.38 -4.58
CA ASN A 72 -18.68 -12.86 -3.36
C ASN A 72 -18.61 -11.87 -2.20
N ARG A 73 -17.50 -11.18 -2.06
CA ARG A 73 -17.34 -10.21 -0.98
C ARG A 73 -18.26 -9.01 -1.21
N GLY A 74 -18.22 -8.45 -2.41
CA GLY A 74 -19.05 -7.30 -2.73
C GLY A 74 -20.54 -7.60 -2.67
N LEU A 75 -20.95 -8.69 -3.31
CA LEU A 75 -22.37 -9.05 -3.35
C LEU A 75 -22.92 -9.41 -1.96
N THR A 76 -22.05 -9.83 -1.06
CA THR A 76 -22.48 -10.15 0.29
C THR A 76 -22.94 -8.90 1.04
N VAL A 77 -22.23 -7.79 0.87
CA VAL A 77 -22.62 -6.54 1.53
C VAL A 77 -24.04 -6.16 1.14
N ILE A 78 -24.33 -6.24 -0.15
CA ILE A 78 -25.65 -5.91 -0.67
C ILE A 78 -26.72 -6.82 -0.04
N ASP A 79 -26.49 -8.12 -0.10
CA ASP A 79 -27.46 -9.07 0.46
C ASP A 79 -27.69 -8.89 1.97
N VAL A 80 -26.65 -8.54 2.73
CA VAL A 80 -26.82 -8.33 4.17
C VAL A 80 -27.65 -7.07 4.39
N ALA A 81 -27.30 -6.00 3.69
CA ALA A 81 -28.00 -4.73 3.81
C ALA A 81 -29.49 -4.96 3.57
N GLU A 82 -29.82 -5.60 2.46
CA GLU A 82 -31.21 -5.89 2.13
C GLU A 82 -31.92 -6.72 3.19
N SER A 83 -31.21 -7.69 3.75
CA SER A 83 -31.78 -8.56 4.76
C SER A 83 -32.07 -7.84 6.08
N LEU A 84 -31.43 -6.70 6.29
CA LEU A 84 -31.61 -5.94 7.53
C LEU A 84 -32.41 -4.65 7.42
N LEU A 85 -32.84 -4.29 6.22
CA LEU A 85 -33.57 -3.04 6.05
C LEU A 85 -34.99 -3.04 6.63
N SER A 86 -35.27 -3.94 7.55
CA SER A 86 -36.59 -4.01 8.14
C SER A 86 -36.53 -4.03 9.66
N LEU A 87 -35.33 -4.14 10.21
CA LEU A 87 -35.17 -4.20 11.66
C LEU A 87 -33.72 -4.12 12.11
N ASP A 97 -38.55 5.90 3.64
CA ASP A 97 -39.73 5.55 2.85
C ASP A 97 -39.43 4.36 1.94
N GLY A 98 -39.07 4.67 0.70
CA GLY A 98 -38.72 3.65 -0.27
C GLY A 98 -37.42 4.19 -0.82
N ALA A 99 -37.06 5.36 -0.30
CA ALA A 99 -35.85 6.07 -0.68
C ALA A 99 -34.72 5.58 0.20
N ARG A 100 -35.05 5.28 1.44
CA ARG A 100 -34.06 4.78 2.38
C ARG A 100 -33.54 3.45 1.85
N ARG A 101 -34.41 2.67 1.21
CA ARG A 101 -34.00 1.40 0.67
C ARG A 101 -33.00 1.65 -0.45
N LYS A 102 -33.28 2.68 -1.24
CA LYS A 102 -32.44 3.04 -2.36
C LYS A 102 -31.06 3.50 -1.92
N ARG A 103 -31.03 4.40 -0.94
CA ARG A 103 -29.77 4.93 -0.43
C ARG A 103 -28.99 3.84 0.29
N VAL A 104 -29.67 2.99 1.05
CA VAL A 104 -29.01 1.91 1.76
C VAL A 104 -28.39 0.90 0.79
N LEU A 105 -29.14 0.52 -0.24
CA LEU A 105 -28.62 -0.44 -1.22
C LEU A 105 -27.49 0.19 -2.03
N HIS A 106 -27.57 1.49 -2.31
CA HIS A 106 -26.51 2.15 -3.07
C HIS A 106 -25.27 2.23 -2.19
N ASP A 107 -25.44 2.58 -0.91
CA ASP A 107 -24.30 2.64 -0.01
C ASP A 107 -23.66 1.25 0.04
N ALA A 108 -24.49 0.22 0.15
CA ALA A 108 -24.00 -1.16 0.20
C ALA A 108 -23.15 -1.49 -1.03
N CYS A 109 -23.59 -1.06 -2.21
CA CYS A 109 -22.82 -1.32 -3.43
C CYS A 109 -21.43 -0.67 -3.33
N VAL A 110 -21.39 0.61 -2.95
CA VAL A 110 -20.11 1.31 -2.82
C VAL A 110 -19.20 0.55 -1.84
N CYS A 111 -19.76 0.10 -0.73
CA CYS A 111 -18.97 -0.65 0.24
C CYS A 111 -18.49 -1.96 -0.42
N GLY A 112 -19.36 -2.54 -1.23
CA GLY A 112 -19.01 -3.77 -1.93
C GLY A 112 -17.75 -3.58 -2.76
N TRP A 113 -17.71 -2.49 -3.53
CA TRP A 113 -16.55 -2.21 -4.36
C TRP A 113 -15.33 -1.79 -3.54
N MET A 114 -15.56 -1.24 -2.35
CA MET A 114 -14.43 -0.87 -1.50
C MET A 114 -13.69 -2.17 -1.16
N ILE A 115 -14.45 -3.21 -0.82
CA ILE A 115 -13.87 -4.50 -0.47
C ILE A 115 -13.27 -5.17 -1.71
N GLU A 116 -13.97 -5.10 -2.84
CA GLU A 116 -13.46 -5.69 -4.07
C GLU A 116 -12.16 -5.00 -4.51
N PHE A 117 -12.12 -3.68 -4.35
CA PHE A 117 -10.93 -2.89 -4.71
C PHE A 117 -9.80 -3.19 -3.72
N LEU A 118 -10.15 -3.45 -2.46
CA LEU A 118 -9.18 -3.77 -1.44
C LEU A 118 -8.52 -5.10 -1.82
N GLN A 119 -9.33 -6.05 -2.25
CA GLN A 119 -8.79 -7.34 -2.66
C GLN A 119 -7.95 -7.20 -3.93
N ALA A 120 -8.45 -6.42 -4.88
CA ALA A 120 -7.73 -6.20 -6.14
C ALA A 120 -6.32 -5.74 -5.79
N HIS A 121 -6.24 -4.81 -4.84
CA HIS A 121 -4.98 -4.29 -4.35
C HIS A 121 -4.09 -5.44 -3.87
N TYR A 122 -4.59 -6.22 -2.92
CA TYR A 122 -3.83 -7.34 -2.39
C TYR A 122 -3.47 -8.40 -3.43
N LEU A 123 -4.36 -8.65 -4.39
CA LEU A 123 -4.06 -9.66 -5.40
C LEU A 123 -2.92 -9.20 -6.31
N VAL A 124 -2.88 -7.91 -6.64
CA VAL A 124 -1.82 -7.38 -7.49
C VAL A 124 -0.46 -7.60 -6.79
N GLU A 125 -0.39 -7.22 -5.53
CA GLU A 125 0.84 -7.38 -4.77
C GLU A 125 1.13 -8.85 -4.46
N ASP A 126 0.08 -9.60 -4.16
CA ASP A 126 0.20 -11.02 -3.83
C ASP A 126 0.79 -11.83 -5.00
N ASP A 127 0.29 -11.58 -6.20
CA ASP A 127 0.78 -12.30 -7.37
C ASP A 127 2.26 -12.05 -7.59
N ILE A 128 2.69 -10.82 -7.39
CA ILE A 128 4.11 -10.50 -7.53
C ILE A 128 4.88 -11.29 -6.47
N MET A 129 4.41 -11.20 -5.23
CA MET A 129 5.03 -11.88 -4.09
C MET A 129 5.10 -13.41 -4.23
N ASP A 130 4.06 -14.00 -4.81
CA ASP A 130 3.99 -15.46 -4.97
C ASP A 130 4.48 -15.94 -6.32
N ASN A 131 4.98 -15.02 -7.13
CA ASN A 131 5.50 -15.33 -8.45
C ASN A 131 4.49 -16.07 -9.34
N SER A 132 3.22 -15.71 -9.22
CA SER A 132 2.16 -16.33 -10.01
C SER A 132 2.18 -15.87 -11.48
N VAL A 133 1.58 -16.68 -12.35
CA VAL A 133 1.52 -16.40 -13.78
C VAL A 133 0.15 -15.94 -14.28
N THR A 134 -0.92 -16.59 -13.82
CA THR A 134 -2.25 -16.19 -14.24
C THR A 134 -3.20 -15.91 -13.07
N ARG A 135 -4.28 -15.21 -13.37
CA ARG A 135 -5.30 -14.83 -12.40
C ARG A 135 -6.62 -14.62 -13.14
N ARG A 136 -7.69 -15.26 -12.68
CA ARG A 136 -9.00 -15.11 -13.31
C ARG A 136 -8.97 -15.42 -14.80
N GLY A 137 -8.16 -16.39 -15.18
CA GLY A 137 -8.07 -16.80 -16.57
C GLY A 137 -7.31 -15.85 -17.47
N LYS A 138 -6.37 -15.09 -16.92
CA LYS A 138 -5.58 -14.15 -17.70
C LYS A 138 -4.24 -13.95 -17.01
N PRO A 139 -3.29 -13.26 -17.66
CA PRO A 139 -2.00 -13.05 -17.01
C PRO A 139 -2.17 -12.18 -15.77
N CYS A 140 -1.36 -12.43 -14.74
CA CYS A 140 -1.44 -11.59 -13.55
C CYS A 140 -1.10 -10.19 -14.06
N TRP A 141 -1.52 -9.16 -13.33
CA TRP A 141 -1.24 -7.79 -13.76
C TRP A 141 0.24 -7.55 -14.05
N TYR A 142 1.12 -7.89 -13.11
CA TYR A 142 2.55 -7.66 -13.32
C TYR A 142 3.09 -8.52 -14.47
N ARG A 143 2.26 -9.41 -14.98
CA ARG A 143 2.66 -10.30 -16.08
C ARG A 143 2.15 -9.81 -17.43
N HIS A 144 1.41 -8.71 -17.43
CA HIS A 144 0.93 -8.19 -18.70
C HIS A 144 2.12 -7.64 -19.48
N PRO A 145 2.12 -7.85 -20.80
CA PRO A 145 3.22 -7.38 -21.66
C PRO A 145 3.75 -5.97 -21.38
N ASP A 146 2.87 -4.97 -21.33
CA ASP A 146 3.32 -3.61 -21.09
C ASP A 146 3.19 -3.09 -19.67
N VAL A 147 3.07 -4.01 -18.71
CA VAL A 147 3.00 -3.61 -17.32
C VAL A 147 4.34 -4.00 -16.72
N THR A 148 5.11 -3.02 -16.28
CA THR A 148 6.39 -3.32 -15.67
C THR A 148 6.16 -3.72 -14.22
N VAL A 149 7.04 -4.53 -13.66
CA VAL A 149 6.89 -4.97 -12.27
C VAL A 149 6.88 -3.75 -11.36
N GLN A 150 7.77 -2.80 -11.61
CA GLN A 150 7.86 -1.59 -10.80
C GLN A 150 6.55 -0.79 -10.83
N CYS A 151 5.94 -0.68 -12.00
CA CYS A 151 4.69 0.05 -12.10
C CYS A 151 3.58 -0.78 -11.46
N ALA A 152 3.63 -2.10 -11.65
CA ALA A 152 2.62 -2.99 -11.09
C ALA A 152 2.51 -2.81 -9.57
N ILE A 153 3.65 -2.68 -8.89
CA ILE A 153 3.64 -2.49 -7.45
C ILE A 153 2.86 -1.23 -7.10
N ASN A 154 3.16 -0.13 -7.78
CA ASN A 154 2.49 1.14 -7.55
C ASN A 154 1.02 1.06 -7.95
N ASP A 155 0.74 0.36 -9.06
CA ASP A 155 -0.65 0.22 -9.51
C ASP A 155 -1.44 -0.40 -8.36
N GLY A 156 -0.82 -1.34 -7.66
CA GLY A 156 -1.47 -1.97 -6.53
C GLY A 156 -1.79 -0.91 -5.49
N LEU A 157 -0.84 0.01 -5.28
CA LEU A 157 -1.03 1.06 -4.30
C LEU A 157 -2.18 1.99 -4.67
N LEU A 158 -2.34 2.25 -5.97
CA LEU A 158 -3.43 3.11 -6.44
C LEU A 158 -4.77 2.45 -6.14
N LEU A 159 -4.82 1.12 -6.27
CA LEU A 159 -6.05 0.38 -6.02
C LEU A 159 -6.53 0.61 -4.57
N LYS A 160 -5.60 0.59 -3.62
CA LYS A 160 -5.95 0.81 -2.23
C LYS A 160 -6.38 2.25 -2.01
N SER A 161 -5.64 3.21 -2.58
CA SER A 161 -6.00 4.62 -2.42
C SER A 161 -7.42 4.85 -2.92
N TRP A 162 -7.78 4.18 -4.01
CA TRP A 162 -9.12 4.33 -4.56
C TRP A 162 -10.21 3.91 -3.57
N THR A 163 -9.90 3.00 -2.66
CA THR A 163 -10.92 2.58 -1.70
C THR A 163 -11.27 3.79 -0.82
N HIS A 164 -10.24 4.54 -0.41
CA HIS A 164 -10.49 5.71 0.42
C HIS A 164 -11.14 6.84 -0.36
N MET A 165 -10.69 7.06 -1.59
CA MET A 165 -11.25 8.13 -2.42
C MET A 165 -12.75 7.93 -2.65
N MET A 166 -13.16 6.71 -3.01
CA MET A 166 -14.58 6.46 -3.25
C MET A 166 -15.41 6.60 -1.97
N ALA A 167 -14.87 6.14 -0.86
CA ALA A 167 -15.57 6.23 0.42
C ALA A 167 -15.82 7.69 0.81
N MET A 168 -14.82 8.54 0.61
CA MET A 168 -14.94 9.94 0.97
C MET A 168 -15.92 10.64 0.03
N HIS A 169 -15.93 10.22 -1.24
CA HIS A 169 -16.82 10.83 -2.22
C HIS A 169 -18.30 10.52 -1.97
N PHE A 170 -18.61 9.27 -1.65
CA PHE A 170 -20.00 8.85 -1.43
C PHE A 170 -20.50 8.96 0.00
N PHE A 171 -19.61 8.74 0.96
CA PHE A 171 -20.01 8.76 2.36
C PHE A 171 -19.58 10.00 3.13
N ALA A 172 -19.40 11.10 2.41
CA ALA A 172 -18.99 12.37 3.00
C ALA A 172 -19.86 12.80 4.19
N ASP A 173 -21.15 13.01 3.95
CA ASP A 173 -22.06 13.45 5.01
C ASP A 173 -22.72 12.29 5.74
N ARG A 174 -22.17 11.09 5.59
CA ARG A 174 -22.76 9.92 6.24
C ARG A 174 -22.20 9.79 7.67
N PRO A 175 -23.09 9.78 8.67
CA PRO A 175 -22.67 9.67 10.07
C PRO A 175 -21.85 8.43 10.43
N PHE A 176 -21.98 7.35 9.66
CA PHE A 176 -21.24 6.12 9.97
C PHE A 176 -19.82 6.07 9.39
N LEU A 177 -19.43 7.12 8.69
CA LEU A 177 -18.11 7.19 8.06
C LEU A 177 -16.89 6.86 8.94
N GLN A 178 -16.74 7.50 10.09
CA GLN A 178 -15.57 7.22 10.93
C GLN A 178 -15.48 5.77 11.39
N ASP A 179 -16.62 5.19 11.77
CA ASP A 179 -16.66 3.82 12.22
C ASP A 179 -16.43 2.89 11.02
N LEU A 180 -17.02 3.23 9.89
CA LEU A 180 -16.87 2.44 8.68
C LEU A 180 -15.39 2.35 8.32
N LEU A 181 -14.79 3.51 8.08
CA LEU A 181 -13.38 3.59 7.71
C LEU A 181 -12.45 3.03 8.79
N CYS A 182 -12.82 3.19 10.05
CA CYS A 182 -12.01 2.67 11.15
C CYS A 182 -11.93 1.14 11.05
N ARG A 183 -13.07 0.49 10.84
CA ARG A 183 -13.10 -0.97 10.74
C ARG A 183 -12.41 -1.45 9.45
N PHE A 184 -12.68 -0.75 8.35
CA PHE A 184 -12.08 -1.08 7.06
C PHE A 184 -10.54 -1.08 7.18
N ASN A 185 -9.98 -0.04 7.78
CA ASN A 185 -8.54 0.07 7.97
C ASN A 185 -7.97 -1.03 8.85
N ARG A 186 -8.71 -1.40 9.90
CA ARG A 186 -8.26 -2.45 10.78
C ARG A 186 -8.18 -3.77 10.04
N VAL A 187 -9.16 -4.05 9.18
CA VAL A 187 -9.15 -5.30 8.42
C VAL A 187 -8.04 -5.26 7.37
N ASP A 188 -7.77 -4.06 6.82
CA ASP A 188 -6.70 -3.91 5.83
C ASP A 188 -5.41 -4.30 6.56
N TYR A 189 -5.22 -3.75 7.75
CA TYR A 189 -4.04 -4.03 8.57
C TYR A 189 -3.94 -5.53 8.90
N THR A 190 -5.05 -6.14 9.30
CA THR A 190 -5.01 -7.58 9.63
C THR A 190 -4.56 -8.40 8.43
N THR A 191 -5.04 -8.03 7.24
CA THR A 191 -4.67 -8.77 6.04
C THR A 191 -3.16 -8.67 5.82
N ALA A 192 -2.60 -7.47 5.92
CA ALA A 192 -1.17 -7.27 5.75
C ALA A 192 -0.39 -8.11 6.78
N VAL A 193 -0.92 -8.22 7.99
CA VAL A 193 -0.25 -9.02 9.03
C VAL A 193 -0.29 -10.50 8.59
N GLY A 194 -1.44 -10.93 8.06
CA GLY A 194 -1.58 -12.30 7.60
C GLY A 194 -0.61 -12.59 6.46
N GLN A 195 -0.44 -11.62 5.56
CA GLN A 195 0.49 -11.76 4.44
C GLN A 195 1.90 -11.94 4.98
N LEU A 196 2.21 -11.24 6.08
CA LEU A 196 3.53 -11.36 6.69
C LEU A 196 3.72 -12.80 7.17
N TYR A 197 2.70 -13.34 7.83
CA TYR A 197 2.75 -14.71 8.33
C TYR A 197 2.88 -15.71 7.20
N ASP A 198 2.24 -15.40 6.08
CA ASP A 198 2.26 -16.28 4.91
C ASP A 198 3.59 -16.33 4.20
N VAL A 199 4.16 -15.16 3.92
CA VAL A 199 5.42 -15.07 3.20
C VAL A 199 6.66 -15.44 4.01
N THR A 200 6.54 -15.56 5.33
CA THR A 200 7.68 -15.94 6.16
C THR A 200 7.44 -17.27 6.86
N SER A 201 6.41 -17.99 6.43
CA SER A 201 6.08 -19.26 7.06
C SER A 201 7.08 -20.37 6.75
N MET A 202 7.82 -20.23 5.65
CA MET A 202 8.78 -21.26 5.26
C MET A 202 10.22 -20.98 5.68
N PHE A 203 10.40 -19.99 6.53
CA PHE A 203 11.73 -19.63 7.05
C PHE A 203 11.71 -19.81 8.59
N ASP A 204 12.71 -20.52 9.12
CA ASP A 204 12.81 -20.76 10.58
C ASP A 204 12.67 -19.41 11.29
N SER A 205 11.53 -19.16 11.94
CA SER A 205 11.32 -17.87 12.58
C SER A 205 12.34 -17.51 13.65
N ASN A 206 12.95 -18.51 14.28
CA ASN A 206 13.97 -18.25 15.30
C ASN A 206 15.18 -17.59 14.68
N LYS A 207 15.39 -17.84 13.38
CA LYS A 207 16.54 -17.27 12.67
C LYS A 207 16.16 -16.05 11.83
N LEU A 208 14.92 -15.60 11.97
CA LEU A 208 14.45 -14.43 11.24
C LEU A 208 15.27 -13.24 11.75
N ASP A 209 16.10 -12.66 10.89
CA ASP A 209 16.94 -11.52 11.26
C ASP A 209 17.26 -10.75 9.99
N PRO A 210 16.73 -9.53 9.86
CA PRO A 210 16.97 -8.71 8.66
C PRO A 210 18.41 -8.69 8.14
N ASP A 211 19.39 -8.72 9.05
CA ASP A 211 20.79 -8.65 8.65
C ASP A 211 21.47 -9.95 8.22
N VAL A 212 20.82 -11.09 8.45
CA VAL A 212 21.42 -12.36 8.07
C VAL A 212 20.54 -13.16 7.13
N SER A 213 21.11 -13.61 6.01
CA SER A 213 20.34 -14.40 5.05
C SER A 213 20.03 -15.78 5.62
N GLN A 214 19.05 -16.46 5.03
CA GLN A 214 18.67 -17.77 5.50
C GLN A 214 17.91 -18.48 4.41
N PRO A 215 18.21 -19.77 4.19
CA PRO A 215 17.50 -20.49 3.14
C PRO A 215 16.18 -20.99 3.71
N THR A 216 15.35 -21.53 2.84
CA THR A 216 14.06 -22.08 3.24
C THR A 216 14.31 -23.11 4.32
N THR A 217 13.29 -23.38 5.11
CA THR A 217 13.40 -24.36 6.17
C THR A 217 13.67 -25.72 5.54
N THR A 218 14.43 -26.56 6.25
CA THR A 218 14.72 -27.90 5.76
C THR A 218 14.08 -28.93 6.70
N ASP A 219 13.83 -28.52 7.94
CA ASP A 219 13.21 -29.41 8.92
C ASP A 219 11.69 -29.22 8.98
N PHE A 220 11.20 -28.12 8.41
CA PHE A 220 9.77 -27.83 8.37
C PHE A 220 9.09 -27.96 9.73
N ALA A 221 9.86 -27.74 10.80
CA ALA A 221 9.34 -27.86 12.15
C ALA A 221 8.19 -26.91 12.47
N GLU A 222 8.04 -25.86 11.68
CA GLU A 222 6.97 -24.89 11.92
C GLU A 222 5.72 -25.10 11.05
N PHE A 223 5.74 -26.12 10.20
CA PHE A 223 4.57 -26.41 9.36
C PHE A 223 3.55 -27.20 10.18
N THR A 224 2.97 -26.53 11.17
CA THR A 224 2.00 -27.14 12.08
C THR A 224 0.60 -26.59 11.83
N LEU A 225 -0.42 -27.32 12.28
CA LEU A 225 -1.79 -26.84 12.08
C LEU A 225 -2.01 -25.54 12.85
N SER A 226 -1.40 -25.39 14.02
CA SER A 226 -1.56 -24.15 14.80
C SER A 226 -1.06 -22.95 14.02
N ASN A 227 0.13 -23.07 13.46
CA ASN A 227 0.69 -21.97 12.70
C ASN A 227 -0.13 -21.71 11.45
N TYR A 228 -0.67 -22.77 10.85
CA TYR A 228 -1.47 -22.64 9.66
C TYR A 228 -2.76 -21.87 9.93
N LYS A 229 -3.44 -22.22 11.02
CA LYS A 229 -4.69 -21.53 11.36
C LYS A 229 -4.48 -20.03 11.55
N ARG A 230 -3.35 -19.65 12.12
CA ARG A 230 -3.05 -18.24 12.35
C ARG A 230 -2.86 -17.48 11.03
N ILE A 231 -2.11 -18.09 10.10
CA ILE A 231 -1.87 -17.48 8.79
C ILE A 231 -3.19 -17.17 8.10
N VAL A 232 -4.01 -18.21 7.98
CA VAL A 232 -5.31 -18.13 7.32
C VAL A 232 -6.32 -17.19 7.97
N LYS A 233 -6.38 -17.20 9.31
CA LYS A 233 -7.32 -16.34 10.01
C LYS A 233 -7.09 -14.87 9.62
N TYR A 234 -5.84 -14.44 9.66
CA TYR A 234 -5.46 -13.05 9.35
C TYR A 234 -5.35 -12.68 7.87
N LYS A 235 -4.81 -13.58 7.04
CA LYS A 235 -4.67 -13.23 5.63
C LYS A 235 -5.96 -13.36 4.81
N THR A 236 -6.93 -14.13 5.30
CA THR A 236 -8.17 -14.33 4.54
C THR A 236 -9.50 -14.11 5.26
N ALA A 237 -9.65 -14.71 6.44
CA ALA A 237 -10.89 -14.64 7.19
C ALA A 237 -11.49 -13.25 7.40
N TYR A 238 -10.68 -12.33 7.92
CA TYR A 238 -11.15 -10.97 8.18
C TYR A 238 -11.67 -10.18 6.98
N TYR A 239 -10.90 -10.12 5.89
CA TYR A 239 -11.35 -9.34 4.74
C TYR A 239 -12.35 -10.06 3.81
N THR A 240 -12.36 -11.39 3.86
CA THR A 240 -13.26 -12.16 3.00
C THR A 240 -14.62 -12.45 3.63
N TYR A 241 -14.66 -12.64 4.93
CA TYR A 241 -15.92 -12.93 5.59
C TYR A 241 -16.42 -11.90 6.60
N LEU A 242 -15.55 -11.47 7.52
CA LEU A 242 -15.98 -10.50 8.52
C LEU A 242 -16.32 -9.12 7.94
N LEU A 243 -15.41 -8.57 7.13
CA LEU A 243 -15.61 -7.25 6.54
C LEU A 243 -16.92 -7.07 5.75
N PRO A 244 -17.25 -8.03 4.85
CA PRO A 244 -18.48 -7.91 4.08
C PRO A 244 -19.70 -7.82 5.01
N LEU A 245 -19.74 -8.71 5.99
CA LEU A 245 -20.85 -8.75 6.95
C LEU A 245 -20.96 -7.45 7.76
N VAL A 246 -19.81 -7.00 8.26
CA VAL A 246 -19.74 -5.79 9.05
C VAL A 246 -20.20 -4.56 8.28
N MET A 247 -19.71 -4.40 7.05
CA MET A 247 -20.11 -3.24 6.24
C MET A 247 -21.60 -3.28 5.89
N GLY A 248 -22.14 -4.49 5.74
CA GLY A 248 -23.55 -4.62 5.43
C GLY A 248 -24.35 -4.19 6.65
N LEU A 249 -23.83 -4.53 7.83
CA LEU A 249 -24.48 -4.16 9.09
C LEU A 249 -24.45 -2.64 9.25
N ILE A 250 -23.29 -2.03 9.04
CA ILE A 250 -23.14 -0.58 9.16
C ILE A 250 -24.02 0.26 8.22
N VAL A 251 -24.08 -0.09 6.93
CA VAL A 251 -24.91 0.69 6.02
C VAL A 251 -26.40 0.52 6.29
N SER A 252 -26.75 -0.55 7.01
CA SER A 252 -28.14 -0.79 7.36
C SER A 252 -28.41 -0.21 8.74
N GLU A 253 -27.37 0.42 9.30
CA GLU A 253 -27.48 1.03 10.62
C GLU A 253 -28.07 -0.01 11.57
N ALA A 254 -27.42 -1.17 11.64
CA ALA A 254 -27.91 -2.25 12.50
C ALA A 254 -26.83 -3.11 13.15
N LEU A 255 -25.59 -2.59 13.24
CA LEU A 255 -24.51 -3.38 13.83
C LEU A 255 -24.74 -3.81 15.28
N PRO A 256 -25.19 -2.89 16.13
CA PRO A 256 -25.42 -3.25 17.54
C PRO A 256 -26.54 -4.26 17.81
N THR A 257 -27.31 -4.63 16.78
CA THR A 257 -28.39 -5.60 16.96
C THR A 257 -27.93 -7.05 16.90
N VAL A 258 -26.68 -7.29 16.50
CA VAL A 258 -26.22 -8.67 16.38
C VAL A 258 -25.19 -9.08 17.41
N ASP A 259 -25.15 -10.36 17.72
CA ASP A 259 -24.15 -10.86 18.65
C ASP A 259 -22.86 -10.83 17.83
N MET A 260 -21.97 -9.90 18.14
CA MET A 260 -20.75 -9.78 17.39
C MET A 260 -19.78 -10.93 17.66
N GLY A 261 -19.75 -11.41 18.91
CA GLY A 261 -18.87 -12.51 19.26
C GLY A 261 -19.16 -13.76 18.46
N VAL A 262 -20.43 -13.99 18.14
CA VAL A 262 -20.85 -15.13 17.36
C VAL A 262 -20.58 -14.86 15.88
N THR A 263 -20.73 -13.60 15.49
CA THR A 263 -20.51 -13.21 14.11
C THR A 263 -19.04 -13.42 13.75
N GLU A 264 -18.14 -13.07 14.65
CA GLU A 264 -16.72 -13.25 14.37
C GLU A 264 -16.36 -14.74 14.39
N GLU A 265 -17.02 -15.51 15.26
CA GLU A 265 -16.75 -16.95 15.33
C GLU A 265 -17.03 -17.55 13.95
N LEU A 266 -18.18 -17.20 13.39
CA LEU A 266 -18.60 -17.68 12.08
C LEU A 266 -17.66 -17.20 10.98
N ALA A 267 -17.36 -15.90 10.99
CA ALA A 267 -16.48 -15.32 9.99
C ALA A 267 -15.14 -16.01 9.95
N MET A 268 -14.57 -16.25 11.14
CA MET A 268 -13.27 -16.90 11.25
C MET A 268 -13.33 -18.36 10.82
N LEU A 269 -14.38 -19.06 11.24
CA LEU A 269 -14.54 -20.46 10.87
C LEU A 269 -14.71 -20.61 9.36
N MET A 270 -15.61 -19.82 8.78
CA MET A 270 -15.85 -19.89 7.34
C MET A 270 -14.61 -19.47 6.55
N GLY A 271 -13.90 -18.45 7.04
CA GLY A 271 -12.71 -17.98 6.38
C GLY A 271 -11.59 -19.01 6.35
N GLU A 272 -11.45 -19.75 7.44
CA GLU A 272 -10.42 -20.78 7.51
C GLU A 272 -10.72 -21.84 6.48
N TYR A 273 -11.98 -22.26 6.45
CA TYR A 273 -12.46 -23.28 5.52
C TYR A 273 -12.30 -22.81 4.08
N PHE A 274 -12.52 -21.52 3.85
CA PHE A 274 -12.41 -20.93 2.52
C PHE A 274 -10.99 -21.04 2.00
N GLN A 275 -10.03 -20.76 2.89
CA GLN A 275 -8.62 -20.80 2.55
C GLN A 275 -8.11 -22.22 2.39
N VAL A 276 -8.66 -23.15 3.17
CA VAL A 276 -8.26 -24.54 3.06
C VAL A 276 -8.66 -24.97 1.65
N GLN A 277 -9.86 -24.57 1.24
CA GLN A 277 -10.35 -24.89 -0.10
C GLN A 277 -9.40 -24.28 -1.12
N ASP A 278 -9.03 -23.02 -0.91
CA ASP A 278 -8.12 -22.35 -1.83
C ASP A 278 -6.82 -23.15 -1.96
N ASP A 279 -6.32 -23.66 -0.85
CA ASP A 279 -5.08 -24.45 -0.85
C ASP A 279 -5.27 -25.76 -1.62
N VAL A 280 -6.33 -26.48 -1.31
CA VAL A 280 -6.60 -27.75 -1.97
C VAL A 280 -6.73 -27.55 -3.49
N MET A 281 -7.52 -26.57 -3.90
CA MET A 281 -7.72 -26.29 -5.31
C MET A 281 -6.42 -25.95 -6.02
N ASP A 282 -5.53 -25.29 -5.29
CA ASP A 282 -4.26 -24.88 -5.85
C ASP A 282 -3.45 -26.08 -6.34
N CYS A 283 -3.56 -27.18 -5.60
CA CYS A 283 -2.83 -28.39 -5.92
C CYS A 283 -3.58 -29.37 -6.81
N PHE A 284 -4.89 -29.45 -6.64
CA PHE A 284 -5.69 -30.41 -7.39
C PHE A 284 -6.70 -29.94 -8.42
N THR A 285 -7.04 -28.65 -8.43
CA THR A 285 -8.00 -28.18 -9.42
C THR A 285 -7.28 -27.74 -10.68
N PRO A 286 -7.74 -28.23 -11.85
CA PRO A 286 -7.08 -27.85 -13.10
C PRO A 286 -7.17 -26.34 -13.30
N PRO A 287 -6.07 -25.71 -13.72
CA PRO A 287 -6.04 -24.26 -13.95
C PRO A 287 -7.23 -23.79 -14.77
N GLU A 288 -7.51 -24.51 -15.85
CA GLU A 288 -8.62 -24.22 -16.75
C GLU A 288 -9.89 -23.85 -15.99
N ARG A 289 -10.16 -24.57 -14.91
CA ARG A 289 -11.34 -24.32 -14.11
C ARG A 289 -11.04 -23.32 -12.99
N LEU A 290 -9.85 -23.44 -12.40
CA LEU A 290 -9.43 -22.59 -11.30
C LEU A 290 -9.20 -21.13 -11.73
N GLY A 291 -8.73 -20.93 -12.96
CA GLY A 291 -8.48 -19.59 -13.45
C GLY A 291 -7.08 -19.11 -13.14
N LYS A 292 -6.31 -19.96 -12.46
CA LYS A 292 -4.94 -19.59 -12.10
C LYS A 292 -4.11 -20.85 -11.91
N VAL A 293 -2.81 -20.73 -12.10
CA VAL A 293 -1.88 -21.84 -11.94
C VAL A 293 -1.33 -21.82 -10.50
N GLY A 294 -1.40 -22.95 -9.81
CA GLY A 294 -0.93 -23.02 -8.44
C GLY A 294 0.57 -22.84 -8.28
N THR A 295 0.99 -22.16 -7.22
CA THR A 295 2.39 -21.92 -6.95
C THR A 295 2.75 -22.35 -5.51
N ASP A 296 1.78 -22.82 -4.76
CA ASP A 296 2.03 -23.21 -3.38
C ASP A 296 3.17 -24.20 -3.19
N ILE A 297 3.19 -25.27 -3.98
CA ILE A 297 4.26 -26.23 -3.83
C ILE A 297 5.61 -25.60 -4.18
N GLN A 298 5.66 -24.92 -5.33
CA GLN A 298 6.89 -24.28 -5.77
C GLN A 298 7.36 -23.19 -4.81
N ASP A 299 6.41 -22.49 -4.20
CA ASP A 299 6.74 -21.42 -3.26
C ASP A 299 6.98 -21.93 -1.84
N ALA A 300 6.92 -23.25 -1.66
CA ALA A 300 7.14 -23.89 -0.35
C ALA A 300 6.23 -23.30 0.73
N LYS A 301 4.99 -23.01 0.35
CA LYS A 301 4.00 -22.42 1.25
C LYS A 301 3.52 -23.37 2.34
N CYS A 302 3.15 -22.80 3.47
CA CYS A 302 2.63 -23.58 4.59
C CYS A 302 1.14 -23.76 4.31
N SER A 303 0.82 -24.61 3.35
CA SER A 303 -0.58 -24.86 2.98
C SER A 303 -1.24 -25.91 3.88
N TRP A 304 -2.56 -26.03 3.77
CA TRP A 304 -3.31 -26.99 4.57
C TRP A 304 -2.84 -28.41 4.27
N LEU A 305 -2.58 -28.69 2.99
CA LEU A 305 -2.10 -29.99 2.55
C LEU A 305 -0.75 -30.30 3.18
N ALA A 306 0.17 -29.36 3.10
CA ALA A 306 1.50 -29.55 3.66
C ALA A 306 1.45 -29.88 5.15
N VAL A 307 0.83 -29.02 5.95
CA VAL A 307 0.79 -29.27 7.39
C VAL A 307 0.05 -30.55 7.75
N THR A 308 -1.05 -30.82 7.06
CA THR A 308 -1.83 -32.03 7.32
C THR A 308 -1.02 -33.27 6.97
N PHE A 309 -0.38 -33.27 5.80
CA PHE A 309 0.46 -34.39 5.36
C PHE A 309 1.57 -34.64 6.37
N LEU A 310 2.36 -33.60 6.63
CA LEU A 310 3.49 -33.70 7.56
C LEU A 310 3.14 -34.23 8.94
N ALA A 311 1.99 -33.82 9.47
CA ALA A 311 1.56 -34.26 10.79
C ALA A 311 1.26 -35.77 10.82
N LYS A 312 0.86 -36.33 9.69
CA LYS A 312 0.51 -37.75 9.63
C LYS A 312 1.48 -38.67 8.89
N ALA A 313 2.45 -38.09 8.17
CA ALA A 313 3.40 -38.88 7.39
C ALA A 313 4.45 -39.66 8.18
N SER A 314 4.94 -40.73 7.54
CA SER A 314 5.98 -41.55 8.12
C SER A 314 7.28 -40.79 7.90
N SER A 315 8.36 -41.21 8.56
CA SER A 315 9.63 -40.52 8.37
C SER A 315 10.09 -40.65 6.92
N ALA A 316 9.72 -41.75 6.27
CA ALA A 316 10.08 -41.98 4.88
C ALA A 316 9.35 -40.97 4.02
N GLN A 317 8.05 -40.83 4.28
CA GLN A 317 7.19 -39.89 3.56
C GLN A 317 7.67 -38.46 3.74
N VAL A 318 8.17 -38.16 4.93
CA VAL A 318 8.66 -36.82 5.23
C VAL A 318 9.95 -36.56 4.49
N ALA A 319 10.84 -37.55 4.43
CA ALA A 319 12.10 -37.39 3.73
C ALA A 319 11.85 -37.06 2.26
N GLU A 320 11.02 -37.86 1.61
CA GLU A 320 10.70 -37.64 0.21
C GLU A 320 10.08 -36.27 0.00
N PHE A 321 9.21 -35.85 0.92
CA PHE A 321 8.57 -34.54 0.86
C PHE A 321 9.66 -33.47 0.87
N LYS A 322 10.57 -33.59 1.81
CA LYS A 322 11.66 -32.64 1.96
C LYS A 322 12.55 -32.51 0.73
N ALA A 323 12.70 -33.59 -0.03
CA ALA A 323 13.57 -33.56 -1.21
C ALA A 323 12.84 -33.11 -2.47
N ASN A 324 11.55 -32.79 -2.35
CA ASN A 324 10.77 -32.40 -3.50
C ASN A 324 9.99 -31.08 -3.34
N TYR A 325 9.71 -30.68 -2.11
CA TYR A 325 8.94 -29.48 -1.86
C TYR A 325 9.73 -28.18 -2.08
N GLY A 326 9.06 -27.16 -2.62
CA GLY A 326 9.72 -25.89 -2.85
C GLY A 326 10.58 -25.86 -4.10
N SER A 327 10.19 -26.65 -5.10
CA SER A 327 10.93 -26.72 -6.35
C SER A 327 10.04 -26.49 -7.56
N GLY A 328 10.55 -25.76 -8.54
CA GLY A 328 9.81 -25.48 -9.76
C GLY A 328 9.79 -26.68 -10.70
N ASP A 329 10.73 -27.59 -10.49
CA ASP A 329 10.85 -28.82 -11.30
C ASP A 329 9.53 -29.60 -11.32
N SER A 330 8.94 -29.72 -12.51
CA SER A 330 7.67 -30.41 -12.71
C SER A 330 7.51 -31.78 -12.06
N GLU A 331 8.53 -32.62 -12.17
CA GLU A 331 8.46 -33.96 -11.58
C GLU A 331 8.51 -33.90 -10.06
N LYS A 332 9.39 -33.07 -9.50
CA LYS A 332 9.47 -32.94 -8.05
C LYS A 332 8.09 -32.48 -7.57
N VAL A 333 7.50 -31.55 -8.32
CA VAL A 333 6.17 -31.03 -8.01
C VAL A 333 5.18 -32.18 -8.09
N ALA A 334 5.31 -33.00 -9.12
CA ALA A 334 4.43 -34.14 -9.32
C ALA A 334 4.56 -35.16 -8.19
N THR A 335 5.74 -35.27 -7.61
CA THR A 335 5.95 -36.21 -6.52
C THR A 335 5.23 -35.76 -5.26
N VAL A 336 5.32 -34.47 -4.95
CA VAL A 336 4.64 -33.92 -3.77
C VAL A 336 3.14 -34.21 -3.88
N ARG A 337 2.59 -33.93 -5.07
CA ARG A 337 1.17 -34.13 -5.33
C ARG A 337 0.77 -35.58 -5.08
N ARG A 338 1.64 -36.51 -5.46
CA ARG A 338 1.34 -37.92 -5.27
C ARG A 338 1.46 -38.27 -3.79
N LEU A 339 2.47 -37.71 -3.12
CA LEU A 339 2.65 -37.96 -1.71
C LEU A 339 1.37 -37.56 -0.98
N TYR A 340 0.71 -36.52 -1.46
CA TYR A 340 -0.53 -36.02 -0.87
C TYR A 340 -1.72 -36.97 -1.03
N GLU A 341 -1.94 -37.45 -2.24
CA GLU A 341 -3.08 -38.34 -2.47
C GLU A 341 -2.87 -39.77 -1.99
N GLU A 342 -1.65 -40.11 -1.59
CA GLU A 342 -1.39 -41.45 -1.07
C GLU A 342 -1.48 -41.45 0.46
N ALA A 343 -1.50 -40.25 1.04
CA ALA A 343 -1.63 -40.10 2.48
C ALA A 343 -3.09 -39.80 2.75
N ASP A 344 -3.91 -40.02 1.72
CA ASP A 344 -5.34 -39.78 1.77
C ASP A 344 -5.66 -38.42 2.39
N LEU A 345 -5.28 -37.35 1.70
CA LEU A 345 -5.55 -36.01 2.20
C LEU A 345 -6.98 -35.63 1.85
N GLN A 346 -7.60 -36.37 0.92
CA GLN A 346 -8.98 -36.07 0.55
C GLN A 346 -9.92 -36.58 1.63
N GLY A 347 -9.55 -37.70 2.25
CA GLY A 347 -10.37 -38.22 3.33
C GLY A 347 -10.32 -37.23 4.49
N ASP A 348 -9.15 -36.64 4.71
CA ASP A 348 -9.01 -35.67 5.79
C ASP A 348 -9.84 -34.43 5.45
N TYR A 349 -9.83 -34.05 4.18
CA TYR A 349 -10.57 -32.88 3.74
C TYR A 349 -12.06 -33.07 3.98
N VAL A 350 -12.60 -34.22 3.56
CA VAL A 350 -14.01 -34.50 3.75
C VAL A 350 -14.39 -34.48 5.22
N ALA A 351 -13.52 -34.98 6.09
CA ALA A 351 -13.80 -34.99 7.53
C ALA A 351 -13.76 -33.56 8.08
N TYR A 352 -12.82 -32.76 7.61
CA TYR A 352 -12.71 -31.37 8.05
C TYR A 352 -13.96 -30.59 7.65
N GLU A 353 -14.27 -30.65 6.37
CA GLU A 353 -15.43 -29.97 5.81
C GLU A 353 -16.71 -30.30 6.59
N ALA A 354 -16.83 -31.55 7.01
CA ALA A 354 -18.00 -31.99 7.75
C ALA A 354 -17.98 -31.37 9.15
N ALA A 355 -16.82 -31.33 9.76
CA ALA A 355 -16.67 -30.75 11.09
C ALA A 355 -17.05 -29.27 11.07
N VAL A 356 -16.52 -28.54 10.10
CA VAL A 356 -16.81 -27.11 9.93
C VAL A 356 -18.30 -26.87 9.69
N ALA A 357 -18.86 -27.63 8.75
CA ALA A 357 -20.27 -27.50 8.40
C ALA A 357 -21.14 -27.62 9.66
N GLU A 358 -20.76 -28.55 10.52
CA GLU A 358 -21.50 -28.77 11.76
C GLU A 358 -21.41 -27.54 12.67
N GLN A 359 -20.19 -27.04 12.90
CA GLN A 359 -20.00 -25.89 13.77
C GLN A 359 -20.72 -24.67 13.20
N VAL A 360 -20.60 -24.47 11.90
CA VAL A 360 -21.26 -23.34 11.24
C VAL A 360 -22.76 -23.39 11.51
N LYS A 361 -23.34 -24.56 11.27
CA LYS A 361 -24.77 -24.78 11.47
C LYS A 361 -25.20 -24.30 12.84
N GLU A 362 -24.54 -24.81 13.87
CA GLU A 362 -24.83 -24.46 15.26
C GLU A 362 -24.74 -22.95 15.47
N LEU A 363 -23.59 -22.36 15.11
CA LEU A 363 -23.39 -20.92 15.28
C LEU A 363 -24.45 -20.08 14.58
N ILE A 364 -24.90 -20.53 13.41
CA ILE A 364 -25.91 -19.79 12.67
C ILE A 364 -27.23 -19.78 13.40
N GLU A 365 -27.52 -20.86 14.13
CA GLU A 365 -28.77 -20.95 14.87
C GLU A 365 -28.70 -20.01 16.07
N LYS A 366 -27.56 -20.01 16.76
CA LYS A 366 -27.37 -19.13 17.91
C LYS A 366 -27.60 -17.71 17.46
N LEU A 367 -27.13 -17.40 16.26
CA LEU A 367 -27.26 -16.08 15.67
C LEU A 367 -28.71 -15.81 15.29
N ARG A 368 -29.38 -16.82 14.79
CA ARG A 368 -30.78 -16.70 14.38
C ARG A 368 -31.74 -16.31 15.51
N LEU A 369 -31.50 -16.81 16.71
CA LEU A 369 -32.36 -16.49 17.86
C LEU A 369 -32.72 -15.00 17.99
N CYS A 370 -31.72 -14.12 18.06
CA CYS A 370 -31.99 -12.68 18.18
C CYS A 370 -31.80 -11.88 16.89
N SER A 371 -31.11 -12.44 15.91
CA SER A 371 -30.87 -11.77 14.63
C SER A 371 -31.20 -12.72 13.48
N PRO A 372 -32.50 -13.01 13.27
CA PRO A 372 -32.96 -13.91 12.21
C PRO A 372 -32.69 -13.43 10.77
N GLY A 373 -32.92 -12.14 10.53
CA GLY A 373 -32.69 -11.61 9.20
C GLY A 373 -31.22 -11.70 8.81
N PHE A 374 -30.36 -11.35 9.75
CA PHE A 374 -28.90 -11.38 9.51
C PHE A 374 -28.39 -12.82 9.42
N ALA A 375 -28.89 -13.70 10.29
CA ALA A 375 -28.47 -15.09 10.29
C ALA A 375 -28.79 -15.73 8.96
N ALA A 376 -29.83 -15.23 8.30
CA ALA A 376 -30.25 -15.73 7.00
C ALA A 376 -29.23 -15.36 5.93
N SER A 377 -28.77 -14.10 5.94
CA SER A 377 -27.80 -13.67 4.94
C SER A 377 -26.48 -14.42 5.17
N VAL A 378 -26.20 -14.76 6.42
CA VAL A 378 -24.97 -15.52 6.72
C VAL A 378 -25.16 -16.92 6.11
N GLU A 379 -26.38 -17.43 6.16
CA GLU A 379 -26.70 -18.74 5.60
C GLU A 379 -26.42 -18.71 4.08
N THR A 380 -26.88 -17.65 3.43
CA THR A 380 -26.68 -17.48 1.99
C THR A 380 -25.20 -17.40 1.66
N LEU A 381 -24.44 -16.71 2.52
CA LEU A 381 -23.00 -16.56 2.33
C LEU A 381 -22.32 -17.92 2.44
N TRP A 382 -22.78 -18.73 3.38
CA TRP A 382 -22.21 -20.06 3.57
C TRP A 382 -22.60 -20.93 2.36
N GLY A 383 -23.68 -20.54 1.68
CA GLY A 383 -24.13 -21.28 0.52
C GLY A 383 -23.22 -21.08 -0.67
N LYS A 384 -22.48 -19.97 -0.65
CA LYS A 384 -21.53 -19.67 -1.71
C LYS A 384 -20.16 -20.24 -1.38
N THR A 385 -20.04 -20.78 -0.17
CA THR A 385 -18.76 -21.32 0.27
C THR A 385 -18.69 -22.85 0.36
N TYR A 386 -19.67 -23.44 1.06
CA TYR A 386 -19.74 -24.89 1.25
C TYR A 386 -19.65 -25.64 -0.07
N LYS A 387 -18.60 -26.43 -0.22
CA LYS A 387 -18.37 -27.23 -1.42
C LYS A 387 -18.27 -26.44 -2.72
N ARG A 388 -17.74 -25.22 -2.68
CA ARG A 388 -17.57 -24.43 -3.89
C ARG A 388 -16.60 -25.16 -4.80
N GLN A 389 -16.73 -24.95 -6.11
CA GLN A 389 -15.87 -25.61 -7.10
C GLN A 389 -14.83 -24.65 -7.69
N LYS A 390 -15.07 -23.35 -7.50
CA LYS A 390 -14.23 -22.26 -7.98
C LYS A 390 -12.95 -22.65 -8.73
N MET B 24 15.71 20.12 21.59
CA MET B 24 14.48 19.68 22.31
C MET B 24 13.44 19.13 21.33
N PRO B 25 13.17 19.84 20.21
CA PRO B 25 12.18 19.32 19.26
C PRO B 25 12.38 17.83 18.99
N MET B 26 13.62 17.44 18.68
CA MET B 26 13.95 16.05 18.39
C MET B 26 13.78 15.11 19.57
N GLN B 27 14.19 15.57 20.75
CA GLN B 27 14.09 14.80 21.98
C GLN B 27 12.64 14.38 22.20
N MET B 28 11.71 15.34 22.14
CA MET B 28 10.30 15.05 22.31
C MET B 28 9.80 14.11 21.20
N PHE B 29 10.21 14.41 19.96
CA PHE B 29 9.81 13.63 18.79
C PHE B 29 10.22 12.17 18.96
N MET B 30 11.43 11.92 19.46
CA MET B 30 11.87 10.54 19.66
C MET B 30 11.15 9.86 20.82
N GLN B 31 10.65 10.64 21.76
CA GLN B 31 9.95 10.06 22.90
C GLN B 31 8.63 9.50 22.37
N VAL B 32 7.98 10.26 21.49
CA VAL B 32 6.70 9.82 20.92
C VAL B 32 6.91 8.64 19.99
N TYR B 33 8.10 8.54 19.39
CA TYR B 33 8.39 7.42 18.52
C TYR B 33 8.32 6.14 19.34
N ASP B 34 8.98 6.14 20.51
CA ASP B 34 8.99 4.99 21.39
C ASP B 34 7.59 4.62 21.82
N GLU B 35 6.80 5.64 22.16
CA GLU B 35 5.43 5.44 22.60
C GLU B 35 4.59 4.79 21.49
N ILE B 36 4.78 5.28 20.26
CA ILE B 36 4.07 4.74 19.12
C ILE B 36 4.50 3.31 18.87
N GLN B 37 5.81 3.08 18.89
CA GLN B 37 6.32 1.73 18.63
C GLN B 37 5.80 0.73 19.65
N MET B 38 5.83 1.13 20.92
CA MET B 38 5.36 0.26 21.98
C MET B 38 3.89 -0.10 21.75
N PHE B 39 3.08 0.88 21.38
CA PHE B 39 1.65 0.63 21.14
C PHE B 39 1.43 -0.38 20.03
N LEU B 40 2.08 -0.15 18.89
CA LEU B 40 1.94 -1.02 17.74
C LEU B 40 2.42 -2.45 18.00
N LEU B 41 3.65 -2.57 18.49
CA LEU B 41 4.24 -3.88 18.74
C LEU B 41 3.51 -4.69 19.81
N GLU B 42 3.05 -4.04 20.88
CA GLU B 42 2.34 -4.77 21.92
C GLU B 42 0.96 -5.18 21.43
N GLU B 43 0.32 -4.34 20.63
CA GLU B 43 -1.01 -4.69 20.11
C GLU B 43 -0.88 -5.95 19.25
N LEU B 44 0.17 -6.00 18.44
CA LEU B 44 0.38 -7.16 17.59
C LEU B 44 0.57 -8.42 18.42
N GLU B 45 1.19 -8.25 19.57
CA GLU B 45 1.44 -9.37 20.47
C GLU B 45 0.15 -9.81 21.16
N LEU B 46 -0.62 -8.85 21.65
CA LEU B 46 -1.87 -9.15 22.36
C LEU B 46 -3.10 -9.46 21.51
N LYS B 47 -3.27 -8.74 20.40
CA LYS B 47 -4.45 -8.94 19.55
C LYS B 47 -4.27 -9.63 18.20
N PHE B 48 -3.03 -9.80 17.74
CA PHE B 48 -2.80 -10.42 16.46
C PHE B 48 -2.07 -11.75 16.55
N ASP B 49 -1.94 -12.24 17.78
CA ASP B 49 -1.29 -13.52 18.03
C ASP B 49 0.12 -13.63 17.47
N MET B 50 0.84 -12.51 17.41
CA MET B 50 2.19 -12.51 16.87
C MET B 50 3.23 -13.04 17.85
N ASP B 51 4.17 -13.82 17.32
CA ASP B 51 5.23 -14.40 18.12
C ASP B 51 6.37 -13.41 18.37
N PRO B 52 7.26 -13.73 19.33
CA PRO B 52 8.39 -12.86 19.66
C PRO B 52 9.34 -12.61 18.49
N ASN B 53 9.58 -13.65 17.69
CA ASN B 53 10.48 -13.54 16.54
C ASN B 53 10.04 -12.51 15.51
N ARG B 54 8.76 -12.54 15.14
CA ARG B 54 8.23 -11.60 14.17
C ARG B 54 8.05 -10.20 14.77
N VAL B 55 7.85 -10.12 16.09
CA VAL B 55 7.71 -8.83 16.73
C VAL B 55 9.09 -8.18 16.64
N ARG B 56 10.12 -8.99 16.83
CA ARG B 56 11.50 -8.52 16.76
C ARG B 56 11.80 -8.04 15.34
N TYR B 57 11.36 -8.82 14.35
CA TYR B 57 11.60 -8.44 12.96
C TYR B 57 10.93 -7.09 12.64
N LEU B 58 9.68 -6.95 13.03
CA LEU B 58 8.95 -5.71 12.77
C LEU B 58 9.54 -4.49 13.49
N ARG B 59 10.09 -4.71 14.68
CA ARG B 59 10.71 -3.63 15.43
C ARG B 59 11.92 -3.13 14.63
N LYS B 60 12.69 -4.08 14.12
CA LYS B 60 13.88 -3.79 13.33
C LYS B 60 13.50 -3.18 11.98
N MET B 61 12.38 -3.62 11.42
CA MET B 61 11.90 -3.11 10.13
C MET B 61 11.49 -1.65 10.31
N MET B 62 10.75 -1.39 11.38
CA MET B 62 10.28 -0.04 11.67
C MET B 62 11.46 0.93 11.88
N ASP B 63 12.41 0.55 12.74
CA ASP B 63 13.57 1.38 13.03
C ASP B 63 14.40 1.68 11.77
N THR B 64 14.75 0.64 11.02
CA THR B 64 15.56 0.78 9.81
C THR B 64 14.86 1.61 8.76
N THR B 65 13.55 1.39 8.65
CA THR B 65 12.68 2.05 7.70
C THR B 65 12.26 3.49 8.01
N CYS B 66 11.99 3.77 9.29
CA CYS B 66 11.53 5.09 9.71
C CYS B 66 12.57 6.00 10.36
N LEU B 67 13.72 5.45 10.74
CA LEU B 67 14.77 6.24 11.39
C LEU B 67 16.03 6.38 10.53
N GLY B 68 16.84 7.39 10.82
CA GLY B 68 18.07 7.58 10.07
C GLY B 68 18.02 8.71 9.06
N GLY B 69 16.85 9.31 8.88
CA GLY B 69 16.74 10.41 7.95
C GLY B 69 16.89 11.74 8.64
N LYS B 70 16.60 12.82 7.93
CA LYS B 70 16.69 14.17 8.46
C LYS B 70 15.45 14.56 9.28
N TYR B 71 14.35 13.83 9.08
CA TYR B 71 13.10 14.09 9.79
C TYR B 71 12.50 15.45 9.48
N ASN B 72 12.87 16.04 8.33
CA ASN B 72 12.36 17.35 7.94
C ASN B 72 10.83 17.42 7.99
N ARG B 73 10.18 16.41 7.43
CA ARG B 73 8.72 16.39 7.37
C ARG B 73 8.08 16.31 8.76
N GLY B 74 8.58 15.43 9.60
CA GLY B 74 8.01 15.27 10.94
C GLY B 74 8.28 16.46 11.85
N LEU B 75 9.51 16.95 11.81
CA LEU B 75 9.90 18.07 12.66
C LEU B 75 9.17 19.35 12.26
N THR B 76 8.80 19.44 10.98
CA THR B 76 8.08 20.59 10.48
C THR B 76 6.67 20.65 11.06
N VAL B 77 6.03 19.50 11.23
CA VAL B 77 4.68 19.47 11.80
C VAL B 77 4.74 20.07 13.21
N ILE B 78 5.71 19.62 13.99
CA ILE B 78 5.90 20.10 15.36
C ILE B 78 6.18 21.61 15.41
N ASP B 79 7.06 22.08 14.52
CA ASP B 79 7.39 23.50 14.50
C ASP B 79 6.24 24.40 14.05
N VAL B 80 5.44 23.97 13.09
CA VAL B 80 4.31 24.78 12.64
C VAL B 80 3.27 24.85 13.76
N ALA B 81 3.03 23.71 14.39
CA ALA B 81 2.05 23.62 15.47
C ALA B 81 2.39 24.58 16.59
N GLU B 82 3.61 24.49 17.09
CA GLU B 82 4.04 25.36 18.18
C GLU B 82 3.88 26.85 17.83
N SER B 83 4.17 27.21 16.58
CA SER B 83 4.07 28.60 16.14
C SER B 83 2.66 29.17 16.14
N LEU B 84 1.67 28.35 15.82
CA LEU B 84 0.29 28.81 15.76
C LEU B 84 -0.41 28.81 17.12
N LEU B 85 0.28 28.33 18.13
CA LEU B 85 -0.24 28.23 19.49
C LEU B 85 -0.93 29.49 20.05
N SER B 86 -0.30 30.65 19.87
CA SER B 86 -0.86 31.91 20.39
C SER B 86 -2.24 32.36 19.88
N LEU B 87 -2.82 31.63 18.93
CA LEU B 87 -4.13 32.00 18.40
C LEU B 87 -5.25 31.40 19.26
N ASP B 96 -2.12 29.43 27.58
CA ASP B 96 -2.88 28.43 28.30
C ASP B 96 -2.16 28.04 29.59
N ASP B 97 -2.79 27.13 30.34
CA ASP B 97 -2.28 26.63 31.61
C ASP B 97 -1.42 25.37 31.41
N GLY B 98 -0.85 25.24 30.21
CA GLY B 98 -0.01 24.11 29.91
C GLY B 98 -0.68 22.91 29.27
N ALA B 99 -1.94 22.67 29.60
CA ALA B 99 -2.68 21.53 29.05
C ALA B 99 -2.74 21.55 27.51
N ARG B 100 -3.21 22.66 26.95
CA ARG B 100 -3.33 22.80 25.50
C ARG B 100 -2.01 22.58 24.78
N ARG B 101 -0.98 23.28 25.22
CA ARG B 101 0.34 23.16 24.62
C ARG B 101 0.85 21.73 24.65
N LYS B 102 0.62 21.06 25.77
CA LYS B 102 1.05 19.68 25.97
C LYS B 102 0.35 18.77 24.96
N ARG B 103 -0.96 18.95 24.80
CA ARG B 103 -1.73 18.16 23.87
C ARG B 103 -1.43 18.47 22.40
N VAL B 104 -1.41 19.76 22.06
CA VAL B 104 -1.13 20.14 20.67
C VAL B 104 0.23 19.65 20.18
N LEU B 105 1.26 19.81 21.00
CA LEU B 105 2.61 19.39 20.60
C LEU B 105 2.72 17.88 20.47
N HIS B 106 1.99 17.15 21.32
CA HIS B 106 2.02 15.70 21.26
C HIS B 106 1.26 15.20 20.03
N ASP B 107 0.15 15.85 19.72
CA ASP B 107 -0.64 15.50 18.54
C ASP B 107 0.24 15.78 17.32
N ALA B 108 0.98 16.89 17.37
CA ALA B 108 1.85 17.27 16.27
C ALA B 108 2.92 16.21 16.03
N CYS B 109 3.48 15.68 17.11
CA CYS B 109 4.49 14.62 17.02
C CYS B 109 3.88 13.36 16.39
N VAL B 110 2.67 13.00 16.80
CA VAL B 110 2.01 11.82 16.24
C VAL B 110 1.84 12.02 14.73
N CYS B 111 1.38 13.21 14.33
CA CYS B 111 1.18 13.52 12.92
C CYS B 111 2.53 13.50 12.23
N GLY B 112 3.56 13.93 12.94
CA GLY B 112 4.90 13.93 12.38
C GLY B 112 5.27 12.52 11.98
N TRP B 113 5.05 11.57 12.89
CA TRP B 113 5.38 10.20 12.60
C TRP B 113 4.48 9.61 11.53
N MET B 114 3.24 10.08 11.47
CA MET B 114 2.34 9.60 10.44
C MET B 114 2.98 9.90 9.08
N ILE B 115 3.52 11.12 8.92
CA ILE B 115 4.17 11.51 7.68
C ILE B 115 5.48 10.76 7.47
N GLU B 116 6.24 10.57 8.55
CA GLU B 116 7.51 9.85 8.44
C GLU B 116 7.29 8.38 8.07
N PHE B 117 6.22 7.77 8.61
CA PHE B 117 5.90 6.38 8.29
C PHE B 117 5.35 6.30 6.87
N LEU B 118 4.63 7.33 6.44
CA LEU B 118 4.07 7.35 5.09
C LEU B 118 5.25 7.37 4.12
N GLN B 119 6.25 8.19 4.41
CA GLN B 119 7.42 8.25 3.54
C GLN B 119 8.19 6.94 3.59
N ALA B 120 8.34 6.38 4.79
CA ALA B 120 9.03 5.12 4.97
C ALA B 120 8.40 4.07 4.04
N HIS B 121 7.08 4.09 3.98
CA HIS B 121 6.31 3.20 3.11
C HIS B 121 6.75 3.40 1.66
N TYR B 122 6.66 4.63 1.19
CA TYR B 122 7.03 4.93 -0.18
C TYR B 122 8.49 4.63 -0.51
N LEU B 123 9.39 4.93 0.43
CA LEU B 123 10.81 4.67 0.24
C LEU B 123 11.09 3.17 0.09
N VAL B 124 10.41 2.34 0.89
CA VAL B 124 10.60 0.90 0.80
C VAL B 124 10.20 0.41 -0.59
N GLU B 125 9.01 0.83 -1.03
CA GLU B 125 8.52 0.41 -2.34
C GLU B 125 9.32 1.07 -3.48
N ASP B 126 9.63 2.35 -3.30
CA ASP B 126 10.38 3.10 -4.31
C ASP B 126 11.76 2.48 -4.60
N ASP B 127 12.46 2.04 -3.56
CA ASP B 127 13.77 1.44 -3.76
C ASP B 127 13.68 0.17 -4.58
N ILE B 128 12.62 -0.59 -4.37
CA ILE B 128 12.39 -1.82 -5.12
C ILE B 128 12.11 -1.42 -6.57
N MET B 129 11.21 -0.46 -6.74
CA MET B 129 10.81 0.06 -8.05
C MET B 129 11.96 0.68 -8.85
N ASP B 130 12.92 1.29 -8.16
CA ASP B 130 14.04 1.94 -8.83
C ASP B 130 15.33 1.13 -8.84
N ASN B 131 15.26 -0.08 -8.29
CA ASN B 131 16.41 -0.98 -8.23
C ASN B 131 17.60 -0.32 -7.53
N SER B 132 17.33 0.39 -6.43
CA SER B 132 18.38 1.05 -5.69
C SER B 132 19.10 0.02 -4.82
N VAL B 133 20.31 0.36 -4.40
CA VAL B 133 21.10 -0.55 -3.57
C VAL B 133 21.23 -0.09 -2.12
N THR B 134 21.46 1.20 -1.92
CA THR B 134 21.58 1.72 -0.57
C THR B 134 20.62 2.85 -0.29
N ARG B 135 20.44 3.11 1.00
CA ARG B 135 19.54 4.14 1.49
C ARG B 135 19.98 4.57 2.89
N ARG B 136 20.10 5.88 3.13
CA ARG B 136 20.50 6.37 4.45
C ARG B 136 21.79 5.68 4.94
N GLY B 137 22.69 5.38 4.01
CA GLY B 137 23.96 4.75 4.35
C GLY B 137 23.93 3.26 4.55
N LYS B 138 22.76 2.65 4.41
CA LYS B 138 22.62 1.21 4.60
C LYS B 138 22.00 0.57 3.39
N PRO B 139 21.96 -0.77 3.34
CA PRO B 139 21.34 -1.40 2.17
C PRO B 139 19.87 -1.03 2.19
N CYS B 140 19.25 -0.94 1.02
CA CYS B 140 17.83 -0.63 0.97
C CYS B 140 17.16 -1.76 1.75
N TRP B 141 15.93 -1.56 2.20
CA TRP B 141 15.25 -2.61 2.97
C TRP B 141 15.20 -3.94 2.23
N TYR B 142 14.74 -3.92 0.99
CA TYR B 142 14.65 -5.15 0.20
C TYR B 142 16.01 -5.73 -0.16
N ARG B 143 17.08 -5.01 0.16
CA ARG B 143 18.43 -5.48 -0.15
C ARG B 143 19.05 -6.14 1.08
N HIS B 144 18.36 -6.08 2.22
CA HIS B 144 18.87 -6.69 3.44
C HIS B 144 19.03 -8.19 3.27
N PRO B 145 20.16 -8.75 3.74
CA PRO B 145 20.43 -10.18 3.62
C PRO B 145 19.21 -11.06 3.96
N ASP B 146 18.53 -10.73 5.04
CA ASP B 146 17.37 -11.51 5.47
C ASP B 146 15.98 -10.99 5.13
N VAL B 147 15.90 -10.06 4.19
CA VAL B 147 14.60 -9.54 3.81
C VAL B 147 14.40 -9.94 2.35
N THR B 148 13.42 -10.78 2.10
CA THR B 148 13.14 -11.21 0.73
C THR B 148 12.39 -10.06 0.06
N VAL B 149 12.45 -10.00 -1.27
CA VAL B 149 11.75 -8.95 -1.98
C VAL B 149 10.25 -9.06 -1.78
N GLN B 150 9.74 -10.29 -1.76
CA GLN B 150 8.31 -10.51 -1.57
C GLN B 150 7.83 -10.02 -0.21
N CYS B 151 8.67 -10.22 0.81
CA CYS B 151 8.29 -9.77 2.15
C CYS B 151 8.47 -8.26 2.23
N ALA B 152 9.48 -7.73 1.55
CA ALA B 152 9.73 -6.29 1.57
C ALA B 152 8.52 -5.51 1.06
N ILE B 153 7.94 -6.00 -0.04
CA ILE B 153 6.77 -5.35 -0.62
C ILE B 153 5.66 -5.24 0.44
N ASN B 154 5.41 -6.34 1.15
CA ASN B 154 4.39 -6.33 2.20
C ASN B 154 4.80 -5.50 3.42
N ASP B 155 6.09 -5.53 3.77
CA ASP B 155 6.56 -4.74 4.91
C ASP B 155 6.21 -3.26 4.61
N GLY B 156 6.34 -2.88 3.34
CA GLY B 156 6.01 -1.53 2.95
C GLY B 156 4.53 -1.28 3.22
N LEU B 157 3.69 -2.27 2.96
CA LEU B 157 2.24 -2.11 3.20
C LEU B 157 1.96 -1.93 4.69
N LEU B 158 2.71 -2.65 5.51
CA LEU B 158 2.57 -2.56 6.96
C LEU B 158 2.87 -1.14 7.44
N LEU B 159 3.92 -0.54 6.89
CA LEU B 159 4.30 0.83 7.24
C LEU B 159 3.13 1.80 7.03
N LYS B 160 2.47 1.70 5.88
CA LYS B 160 1.34 2.57 5.62
C LYS B 160 0.18 2.28 6.57
N SER B 161 -0.09 1.01 6.83
CA SER B 161 -1.18 0.66 7.74
C SER B 161 -0.92 1.26 9.11
N TRP B 162 0.33 1.23 9.54
CA TRP B 162 0.67 1.79 10.84
C TRP B 162 0.26 3.26 10.96
N THR B 163 0.33 4.02 9.87
CA THR B 163 -0.06 5.42 9.95
C THR B 163 -1.52 5.52 10.37
N HIS B 164 -2.35 4.62 9.84
CA HIS B 164 -3.76 4.63 10.20
C HIS B 164 -3.99 4.14 11.63
N MET B 165 -3.27 3.08 12.02
CA MET B 165 -3.41 2.55 13.36
C MET B 165 -3.05 3.59 14.41
N MET B 166 -1.91 4.27 14.22
CA MET B 166 -1.50 5.27 15.19
C MET B 166 -2.45 6.47 15.20
N ALA B 167 -2.97 6.83 14.03
CA ALA B 167 -3.91 7.94 13.93
C ALA B 167 -5.14 7.68 14.77
N MET B 168 -5.76 6.52 14.57
CA MET B 168 -6.97 6.14 15.30
C MET B 168 -6.71 6.01 16.79
N HIS B 169 -5.59 5.40 17.15
CA HIS B 169 -5.24 5.22 18.56
C HIS B 169 -5.14 6.55 19.31
N PHE B 170 -4.45 7.52 18.72
CA PHE B 170 -4.28 8.81 19.39
C PHE B 170 -5.34 9.88 19.12
N PHE B 171 -5.97 9.86 17.94
CA PHE B 171 -6.95 10.87 17.59
C PHE B 171 -8.43 10.45 17.53
N ALA B 172 -8.74 9.24 17.97
CA ALA B 172 -10.12 8.75 17.93
C ALA B 172 -11.14 9.79 18.42
N ASP B 173 -10.83 10.52 19.49
CA ASP B 173 -11.76 11.48 20.03
C ASP B 173 -11.57 12.95 19.61
N ARG B 174 -10.58 13.22 18.77
CA ARG B 174 -10.35 14.59 18.31
C ARG B 174 -11.37 14.99 17.25
N PRO B 175 -11.90 16.21 17.35
CA PRO B 175 -12.90 16.72 16.39
C PRO B 175 -12.31 16.79 14.98
N PHE B 176 -11.00 16.95 14.90
CA PHE B 176 -10.34 17.07 13.60
C PHE B 176 -9.98 15.74 12.92
N LEU B 177 -10.34 14.63 13.55
CA LEU B 177 -10.02 13.32 13.00
C LEU B 177 -10.36 13.12 11.53
N GLN B 178 -11.64 13.29 11.17
CA GLN B 178 -12.07 13.11 9.79
C GLN B 178 -11.37 14.03 8.78
N ASP B 179 -11.27 15.32 9.10
CA ASP B 179 -10.62 16.27 8.20
C ASP B 179 -9.14 15.93 8.03
N LEU B 180 -8.50 15.58 9.14
CA LEU B 180 -7.08 15.22 9.15
C LEU B 180 -6.79 14.01 8.27
N LEU B 181 -7.56 12.94 8.48
CA LEU B 181 -7.40 11.71 7.72
C LEU B 181 -7.79 11.89 6.25
N CYS B 182 -8.80 12.71 6.00
CA CYS B 182 -9.23 12.96 4.62
C CYS B 182 -8.06 13.57 3.83
N ARG B 183 -7.40 14.57 4.42
CA ARG B 183 -6.28 15.24 3.79
C ARG B 183 -5.05 14.33 3.66
N PHE B 184 -4.78 13.56 4.71
CA PHE B 184 -3.65 12.64 4.72
C PHE B 184 -3.82 11.64 3.58
N ASN B 185 -5.02 11.06 3.47
CA ASN B 185 -5.30 10.09 2.42
C ASN B 185 -5.25 10.70 1.00
N ARG B 186 -5.66 11.95 0.87
CA ARG B 186 -5.59 12.58 -0.45
C ARG B 186 -4.13 12.74 -0.89
N VAL B 187 -3.28 13.17 0.04
CA VAL B 187 -1.87 13.35 -0.27
C VAL B 187 -1.19 11.99 -0.58
N ASP B 188 -1.63 10.95 0.12
CA ASP B 188 -1.11 9.60 -0.10
C ASP B 188 -1.43 9.25 -1.55
N TYR B 189 -2.67 9.48 -1.94
CA TYR B 189 -3.13 9.21 -3.30
C TYR B 189 -2.36 10.05 -4.34
N THR B 190 -2.15 11.34 -4.07
CA THR B 190 -1.41 12.18 -5.01
C THR B 190 0.02 11.67 -5.20
N THR B 191 0.61 11.15 -4.12
CA THR B 191 1.98 10.64 -4.15
C THR B 191 2.04 9.40 -5.05
N ALA B 192 1.05 8.52 -4.91
CA ALA B 192 0.99 7.31 -5.73
C ALA B 192 0.84 7.69 -7.20
N VAL B 193 0.06 8.74 -7.47
CA VAL B 193 -0.16 9.23 -8.84
C VAL B 193 1.17 9.77 -9.38
N GLY B 194 1.93 10.41 -8.50
CA GLY B 194 3.22 10.96 -8.88
C GLY B 194 4.16 9.84 -9.27
N GLN B 195 4.14 8.77 -8.48
CA GLN B 195 4.97 7.61 -8.72
C GLN B 195 4.64 7.02 -10.08
N LEU B 196 3.36 7.04 -10.46
CA LEU B 196 2.95 6.53 -11.77
C LEU B 196 3.63 7.38 -12.84
N TYR B 197 3.49 8.70 -12.73
CA TYR B 197 4.10 9.63 -13.67
C TYR B 197 5.61 9.38 -13.79
N ASP B 198 6.25 9.18 -12.65
CA ASP B 198 7.70 8.95 -12.57
C ASP B 198 8.18 7.64 -13.22
N VAL B 199 7.50 6.55 -12.89
CA VAL B 199 7.89 5.24 -13.40
C VAL B 199 7.53 4.97 -14.85
N THR B 200 6.65 5.79 -15.43
CA THR B 200 6.26 5.60 -16.82
C THR B 200 6.74 6.78 -17.67
N SER B 201 7.65 7.59 -17.13
CA SER B 201 8.13 8.78 -17.82
C SER B 201 9.10 8.51 -18.95
N MET B 202 9.70 7.32 -18.96
CA MET B 202 10.67 6.96 -19.98
C MET B 202 10.07 6.10 -21.10
N PHE B 203 8.76 5.87 -21.03
CA PHE B 203 8.07 5.09 -22.06
C PHE B 203 7.15 6.02 -22.83
N ASP B 204 7.11 5.85 -24.16
CA ASP B 204 6.26 6.67 -25.00
C ASP B 204 4.82 6.46 -24.54
N SER B 205 4.23 7.47 -23.89
CA SER B 205 2.87 7.33 -23.39
C SER B 205 1.82 7.01 -24.45
N ASN B 206 2.07 7.44 -25.69
CA ASN B 206 1.13 7.17 -26.78
C ASN B 206 1.02 5.68 -27.03
N LYS B 207 2.05 4.95 -26.62
CA LYS B 207 2.07 3.51 -26.81
C LYS B 207 1.88 2.74 -25.51
N LEU B 208 1.52 3.45 -24.45
CA LEU B 208 1.28 2.83 -23.14
C LEU B 208 0.04 1.95 -23.32
N ASP B 209 0.23 0.64 -23.20
CA ASP B 209 -0.85 -0.33 -23.37
C ASP B 209 -0.50 -1.60 -22.61
N PRO B 210 -1.27 -1.96 -21.58
CA PRO B 210 -1.01 -3.17 -20.79
C PRO B 210 -0.74 -4.45 -21.59
N ASP B 211 -1.42 -4.62 -22.72
CA ASP B 211 -1.26 -5.83 -23.54
C ASP B 211 -0.07 -5.89 -24.48
N VAL B 212 0.57 -4.76 -24.72
CA VAL B 212 1.71 -4.74 -25.63
C VAL B 212 2.97 -4.23 -24.98
N SER B 213 4.00 -5.06 -24.93
CA SER B 213 5.25 -4.64 -24.33
C SER B 213 5.78 -3.50 -25.18
N GLN B 214 6.68 -2.72 -24.61
CA GLN B 214 7.27 -1.59 -25.34
C GLN B 214 8.58 -1.27 -24.64
N PRO B 215 9.61 -0.90 -25.42
CA PRO B 215 10.93 -0.57 -24.84
C PRO B 215 11.06 0.90 -24.43
N THR B 216 12.15 1.20 -23.73
CA THR B 216 12.46 2.56 -23.27
C THR B 216 12.46 3.49 -24.46
N THR B 217 11.97 4.71 -24.27
CA THR B 217 11.90 5.69 -25.35
C THR B 217 13.27 5.89 -25.98
N THR B 218 13.28 6.02 -27.31
CA THR B 218 14.54 6.25 -28.01
C THR B 218 14.63 7.69 -28.49
N ASP B 219 13.49 8.34 -28.66
CA ASP B 219 13.48 9.73 -29.11
C ASP B 219 13.42 10.73 -27.95
N PHE B 220 13.02 10.25 -26.77
CA PHE B 220 12.95 11.09 -25.57
C PHE B 220 12.12 12.33 -25.78
N ALA B 221 11.11 12.25 -26.64
CA ALA B 221 10.27 13.39 -26.93
C ALA B 221 9.48 13.91 -25.72
N GLU B 222 9.26 13.05 -24.74
CA GLU B 222 8.50 13.45 -23.56
C GLU B 222 9.33 13.98 -22.40
N PHE B 223 10.65 14.03 -22.58
CA PHE B 223 11.53 14.54 -21.53
C PHE B 223 11.56 16.07 -21.62
N THR B 224 10.41 16.68 -21.31
CA THR B 224 10.28 18.14 -21.34
C THR B 224 10.11 18.69 -19.94
N LEU B 225 10.49 19.96 -19.75
CA LEU B 225 10.37 20.58 -18.44
C LEU B 225 8.93 20.51 -17.99
N SER B 226 8.01 20.66 -18.93
CA SER B 226 6.60 20.62 -18.61
C SER B 226 6.22 19.28 -17.98
N ASN B 227 6.62 18.18 -18.62
CA ASN B 227 6.31 16.87 -18.08
C ASN B 227 7.06 16.65 -16.76
N TYR B 228 8.27 17.20 -16.64
CA TYR B 228 9.04 17.06 -15.41
C TYR B 228 8.34 17.73 -14.23
N LYS B 229 7.84 18.95 -14.44
CA LYS B 229 7.16 19.67 -13.36
C LYS B 229 5.98 18.88 -12.81
N ARG B 230 5.25 18.20 -13.70
CA ARG B 230 4.10 17.40 -13.27
C ARG B 230 4.55 16.21 -12.41
N ILE B 231 5.60 15.52 -12.85
CA ILE B 231 6.11 14.36 -12.11
C ILE B 231 6.48 14.74 -10.67
N VAL B 232 7.28 15.78 -10.53
CA VAL B 232 7.77 16.26 -9.24
C VAL B 232 6.69 16.87 -8.33
N LYS B 233 5.72 17.58 -8.93
CA LYS B 233 4.65 18.18 -8.15
C LYS B 233 3.90 17.11 -7.35
N TYR B 234 3.48 16.06 -8.03
CA TYR B 234 2.71 14.99 -7.41
C TYR B 234 3.50 13.95 -6.60
N LYS B 235 4.64 13.52 -7.11
CA LYS B 235 5.41 12.51 -6.38
C LYS B 235 6.16 13.03 -5.15
N THR B 236 6.38 14.34 -5.06
CA THR B 236 7.14 14.89 -3.92
C THR B 236 6.60 16.14 -3.21
N ALA B 237 6.21 17.16 -3.97
CA ALA B 237 5.73 18.40 -3.38
C ALA B 237 4.64 18.26 -2.33
N TYR B 238 3.59 17.51 -2.66
CA TYR B 238 2.48 17.36 -1.73
C TYR B 238 2.78 16.73 -0.37
N TYR B 239 3.45 15.59 -0.35
CA TYR B 239 3.72 14.93 0.92
C TYR B 239 4.97 15.43 1.66
N THR B 240 5.85 16.10 0.94
CA THR B 240 7.06 16.61 1.57
C THR B 240 6.92 18.05 2.05
N TYR B 241 6.14 18.87 1.35
CA TYR B 241 5.96 20.25 1.77
C TYR B 241 4.55 20.66 2.21
N LEU B 242 3.53 20.31 1.44
CA LEU B 242 2.19 20.70 1.83
C LEU B 242 1.65 19.99 3.08
N LEU B 243 1.72 18.66 3.11
CA LEU B 243 1.21 17.87 4.22
C LEU B 243 1.77 18.23 5.61
N PRO B 244 3.09 18.41 5.73
CA PRO B 244 3.62 18.76 7.06
C PRO B 244 2.99 20.06 7.58
N LEU B 245 2.90 21.04 6.71
CA LEU B 245 2.32 22.34 7.05
C LEU B 245 0.84 22.18 7.42
N VAL B 246 0.06 21.57 6.52
CA VAL B 246 -1.36 21.35 6.75
C VAL B 246 -1.63 20.59 8.05
N MET B 247 -0.85 19.54 8.33
CA MET B 247 -1.06 18.79 9.56
C MET B 247 -0.72 19.64 10.79
N GLY B 248 0.32 20.46 10.65
CA GLY B 248 0.71 21.33 11.75
C GLY B 248 -0.41 22.29 12.07
N LEU B 249 -1.05 22.82 11.04
CA LEU B 249 -2.17 23.75 11.20
C LEU B 249 -3.39 23.07 11.82
N ILE B 250 -3.71 21.88 11.35
CA ILE B 250 -4.86 21.14 11.85
C ILE B 250 -4.79 20.83 13.34
N VAL B 251 -3.67 20.30 13.81
CA VAL B 251 -3.55 19.98 15.23
C VAL B 251 -3.54 21.19 16.15
N SER B 252 -3.03 22.33 15.67
CA SER B 252 -3.02 23.53 16.49
C SER B 252 -4.32 24.30 16.22
N GLU B 253 -5.22 23.64 15.49
CA GLU B 253 -6.53 24.16 15.12
C GLU B 253 -6.50 25.58 14.57
N ALA B 254 -5.70 25.79 13.53
CA ALA B 254 -5.59 27.12 12.93
C ALA B 254 -5.56 27.05 11.41
N LEU B 255 -6.09 25.97 10.83
CA LEU B 255 -6.09 25.81 9.38
C LEU B 255 -6.71 26.98 8.61
N PRO B 256 -7.87 27.48 9.06
CA PRO B 256 -8.47 28.60 8.33
C PRO B 256 -7.81 29.97 8.50
N THR B 257 -6.75 30.04 9.30
CA THR B 257 -6.10 31.33 9.52
C THR B 257 -5.03 31.69 8.50
N VAL B 258 -4.78 30.79 7.55
CA VAL B 258 -3.77 31.01 6.53
C VAL B 258 -4.35 31.10 5.13
N ASP B 259 -3.68 31.84 4.26
CA ASP B 259 -4.13 31.93 2.89
C ASP B 259 -3.68 30.62 2.23
N MET B 260 -4.58 29.67 2.07
CA MET B 260 -4.21 28.39 1.47
C MET B 260 -3.72 28.47 0.02
N GLY B 261 -4.22 29.44 -0.74
CA GLY B 261 -3.78 29.57 -2.12
C GLY B 261 -2.29 29.86 -2.16
N VAL B 262 -1.85 30.76 -1.29
CA VAL B 262 -0.44 31.13 -1.21
C VAL B 262 0.38 29.99 -0.60
N THR B 263 -0.16 29.36 0.43
CA THR B 263 0.52 28.25 1.09
C THR B 263 0.75 27.11 0.10
N GLU B 264 -0.25 26.80 -0.72
CA GLU B 264 -0.10 25.73 -1.71
C GLU B 264 0.92 26.12 -2.77
N GLU B 265 0.91 27.40 -3.16
CA GLU B 265 1.84 27.89 -4.17
C GLU B 265 3.27 27.72 -3.64
N LEU B 266 3.46 28.09 -2.38
CA LEU B 266 4.77 27.97 -1.73
C LEU B 266 5.22 26.52 -1.62
N ALA B 267 4.31 25.67 -1.19
CA ALA B 267 4.60 24.25 -1.02
C ALA B 267 5.00 23.60 -2.36
N MET B 268 4.28 23.93 -3.42
CA MET B 268 4.56 23.37 -4.74
C MET B 268 5.91 23.81 -5.27
N LEU B 269 6.21 25.09 -5.11
CA LEU B 269 7.48 25.65 -5.55
C LEU B 269 8.64 25.05 -4.77
N MET B 270 8.55 25.08 -3.44
CA MET B 270 9.61 24.51 -2.61
C MET B 270 9.81 23.02 -2.90
N GLY B 271 8.69 22.32 -3.15
CA GLY B 271 8.73 20.90 -3.43
C GLY B 271 9.45 20.58 -4.73
N GLU B 272 9.13 21.32 -5.78
CA GLU B 272 9.77 21.13 -7.07
C GLU B 272 11.27 21.28 -6.88
N TYR B 273 11.67 22.41 -6.30
CA TYR B 273 13.07 22.72 -6.03
C TYR B 273 13.76 21.60 -5.28
N PHE B 274 13.11 21.10 -4.24
CA PHE B 274 13.64 20.01 -3.43
C PHE B 274 13.96 18.77 -4.27
N GLN B 275 13.07 18.45 -5.21
CA GLN B 275 13.25 17.30 -6.08
C GLN B 275 14.37 17.53 -7.10
N VAL B 276 14.52 18.79 -7.53
CA VAL B 276 15.59 19.15 -8.46
C VAL B 276 16.92 18.91 -7.74
N GLN B 277 16.96 19.25 -6.46
CA GLN B 277 18.17 19.04 -5.66
C GLN B 277 18.44 17.54 -5.58
N ASP B 278 17.38 16.78 -5.35
CA ASP B 278 17.47 15.33 -5.24
C ASP B 278 18.02 14.73 -6.54
N ASP B 279 17.56 15.24 -7.68
CA ASP B 279 18.02 14.74 -8.97
C ASP B 279 19.47 15.13 -9.20
N VAL B 280 19.80 16.39 -8.92
CA VAL B 280 21.16 16.87 -9.11
C VAL B 280 22.14 16.09 -8.23
N MET B 281 21.75 15.84 -6.99
CA MET B 281 22.59 15.10 -6.04
C MET B 281 22.75 13.64 -6.46
N ASP B 282 21.71 13.08 -7.07
CA ASP B 282 21.74 11.70 -7.52
C ASP B 282 22.93 11.51 -8.44
N CYS B 283 23.15 12.51 -9.29
CA CYS B 283 24.23 12.47 -10.26
C CYS B 283 25.57 13.02 -9.79
N PHE B 284 25.56 14.12 -9.05
CA PHE B 284 26.83 14.72 -8.64
C PHE B 284 27.32 14.68 -7.19
N THR B 285 26.49 14.20 -6.26
CA THR B 285 26.93 14.13 -4.88
C THR B 285 27.48 12.74 -4.61
N PRO B 286 28.69 12.63 -4.03
CA PRO B 286 29.22 11.29 -3.77
C PRO B 286 28.33 10.55 -2.78
N PRO B 287 28.05 9.26 -3.01
CA PRO B 287 27.21 8.44 -2.14
C PRO B 287 27.57 8.51 -0.65
N GLU B 288 28.85 8.73 -0.37
CA GLU B 288 29.32 8.81 1.00
C GLU B 288 28.54 9.86 1.79
N ARG B 289 28.33 11.02 1.17
CA ARG B 289 27.59 12.10 1.82
C ARG B 289 26.09 11.93 1.61
N LEU B 290 25.72 11.49 0.41
CA LEU B 290 24.31 11.32 0.06
C LEU B 290 23.66 10.21 0.87
N GLY B 291 24.40 9.11 1.04
CA GLY B 291 23.89 7.97 1.80
C GLY B 291 23.17 7.00 0.88
N LYS B 292 23.08 7.37 -0.39
CA LYS B 292 22.41 6.49 -1.35
C LYS B 292 23.11 6.61 -2.69
N VAL B 293 23.13 5.51 -3.43
CA VAL B 293 23.74 5.46 -4.74
C VAL B 293 22.70 5.88 -5.78
N GLY B 294 23.10 6.74 -6.71
CA GLY B 294 22.16 7.20 -7.73
C GLY B 294 21.84 6.13 -8.76
N THR B 295 20.59 6.12 -9.22
CA THR B 295 20.12 5.16 -10.21
C THR B 295 19.36 5.84 -11.35
N ASP B 296 19.27 7.17 -11.29
CA ASP B 296 18.56 7.96 -12.29
C ASP B 296 18.98 7.74 -13.74
N ILE B 297 20.27 7.80 -14.02
CA ILE B 297 20.76 7.61 -15.39
C ILE B 297 20.52 6.18 -15.87
N GLN B 298 20.90 5.21 -15.04
CA GLN B 298 20.70 3.81 -15.40
C GLN B 298 19.20 3.51 -15.58
N ASP B 299 18.36 4.19 -14.82
CA ASP B 299 16.91 3.96 -14.90
C ASP B 299 16.23 4.80 -15.97
N ALA B 300 17.01 5.63 -16.68
CA ALA B 300 16.50 6.48 -17.74
C ALA B 300 15.37 7.38 -17.24
N LYS B 301 15.52 7.87 -16.01
CA LYS B 301 14.53 8.73 -15.38
C LYS B 301 14.44 10.11 -16.02
N CYS B 302 13.25 10.69 -15.97
CA CYS B 302 13.01 12.03 -16.50
C CYS B 302 13.40 12.99 -15.39
N SER B 303 14.70 13.12 -15.16
CA SER B 303 15.22 13.99 -14.12
C SER B 303 15.35 15.43 -14.60
N TRP B 304 15.55 16.35 -13.67
CA TRP B 304 15.70 17.76 -14.03
C TRP B 304 16.90 17.94 -14.96
N LEU B 305 17.97 17.19 -14.70
CA LEU B 305 19.18 17.25 -15.52
C LEU B 305 18.91 16.82 -16.96
N ALA B 306 18.20 15.72 -17.13
CA ALA B 306 17.89 15.22 -18.47
C ALA B 306 17.05 16.20 -19.28
N VAL B 307 15.95 16.65 -18.71
CA VAL B 307 15.08 17.57 -19.44
C VAL B 307 15.73 18.90 -19.75
N THR B 308 16.50 19.42 -18.79
CA THR B 308 17.20 20.68 -18.96
C THR B 308 18.31 20.54 -20.01
N PHE B 309 19.01 19.41 -19.97
CA PHE B 309 20.07 19.14 -20.94
C PHE B 309 19.49 19.06 -22.34
N LEU B 310 18.48 18.21 -22.52
CA LEU B 310 17.86 18.03 -23.83
C LEU B 310 17.27 19.29 -24.45
N ALA B 311 16.75 20.20 -23.62
CA ALA B 311 16.15 21.42 -24.15
C ALA B 311 17.18 22.39 -24.75
N LYS B 312 18.43 22.33 -24.28
CA LYS B 312 19.47 23.22 -24.78
C LYS B 312 20.54 22.56 -25.65
N ALA B 313 20.68 21.25 -25.52
CA ALA B 313 21.69 20.49 -26.26
C ALA B 313 21.63 20.62 -27.78
N SER B 314 22.81 20.59 -28.40
CA SER B 314 22.94 20.65 -29.84
C SER B 314 22.48 19.29 -30.36
N SER B 315 22.45 19.12 -31.68
CA SER B 315 22.05 17.85 -32.25
C SER B 315 23.11 16.78 -31.94
N ALA B 316 24.38 17.19 -31.89
CA ALA B 316 25.47 16.26 -31.60
C ALA B 316 25.37 15.76 -30.17
N GLN B 317 25.12 16.66 -29.23
CA GLN B 317 24.97 16.33 -27.82
C GLN B 317 23.79 15.41 -27.60
N VAL B 318 22.69 15.67 -28.29
CA VAL B 318 21.51 14.84 -28.17
C VAL B 318 21.78 13.41 -28.64
N ALA B 319 22.49 13.27 -29.76
CA ALA B 319 22.80 11.94 -30.29
C ALA B 319 23.59 11.15 -29.26
N GLU B 320 24.69 11.74 -28.79
CA GLU B 320 25.55 11.10 -27.81
C GLU B 320 24.80 10.77 -26.52
N PHE B 321 23.81 11.59 -26.18
CA PHE B 321 23.01 11.36 -24.99
C PHE B 321 22.22 10.08 -25.18
N LYS B 322 21.46 10.03 -26.27
CA LYS B 322 20.63 8.87 -26.60
C LYS B 322 21.43 7.56 -26.66
N ALA B 323 22.70 7.66 -27.02
CA ALA B 323 23.55 6.49 -27.14
C ALA B 323 24.11 6.01 -25.82
N ASN B 324 23.98 6.83 -24.78
CA ASN B 324 24.53 6.46 -23.49
C ASN B 324 23.55 6.40 -22.31
N TYR B 325 22.39 7.04 -22.44
CA TYR B 325 21.41 7.09 -21.35
C TYR B 325 20.59 5.81 -21.13
N GLY B 326 20.33 5.47 -19.87
CA GLY B 326 19.53 4.29 -19.56
C GLY B 326 20.25 2.96 -19.60
N SER B 327 21.56 2.97 -19.41
CA SER B 327 22.35 1.74 -19.41
C SER B 327 23.08 1.63 -18.09
N GLY B 328 23.36 0.40 -17.67
CA GLY B 328 24.08 0.18 -16.42
C GLY B 328 25.58 0.24 -16.62
N ASP B 329 26.01 0.37 -17.87
CA ASP B 329 27.42 0.45 -18.23
C ASP B 329 28.05 1.67 -17.57
N SER B 330 29.05 1.42 -16.70
CA SER B 330 29.72 2.50 -15.98
C SER B 330 30.35 3.59 -16.84
N GLU B 331 30.67 3.28 -18.08
CA GLU B 331 31.25 4.31 -18.94
C GLU B 331 30.17 5.07 -19.70
N LYS B 332 29.03 4.42 -19.97
CA LYS B 332 27.94 5.09 -20.66
C LYS B 332 27.30 6.09 -19.69
N VAL B 333 27.33 5.78 -18.40
CA VAL B 333 26.74 6.69 -17.40
C VAL B 333 27.73 7.82 -17.11
N ALA B 334 29.02 7.54 -17.25
CA ALA B 334 30.04 8.55 -17.01
C ALA B 334 30.03 9.58 -18.13
N THR B 335 29.59 9.14 -19.32
CA THR B 335 29.50 10.00 -20.49
C THR B 335 28.31 10.93 -20.36
N VAL B 336 27.24 10.45 -19.73
CA VAL B 336 26.05 11.26 -19.52
C VAL B 336 26.39 12.34 -18.50
N ARG B 337 27.26 12.00 -17.54
CA ARG B 337 27.69 12.96 -16.52
C ARG B 337 28.56 14.04 -17.16
N ARG B 338 29.51 13.63 -17.99
CA ARG B 338 30.37 14.58 -18.66
C ARG B 338 29.54 15.48 -19.58
N LEU B 339 28.55 14.91 -20.25
CA LEU B 339 27.67 15.69 -21.11
C LEU B 339 26.99 16.78 -20.30
N TYR B 340 26.53 16.43 -19.10
CA TYR B 340 25.85 17.39 -18.25
C TYR B 340 26.78 18.53 -17.86
N GLU B 341 28.03 18.20 -17.56
CA GLU B 341 29.00 19.22 -17.17
C GLU B 341 29.33 20.12 -18.35
N GLU B 342 29.48 19.51 -19.52
CA GLU B 342 29.80 20.27 -20.73
C GLU B 342 28.72 21.29 -21.04
N ALA B 343 27.46 20.93 -20.82
CA ALA B 343 26.37 21.85 -21.11
C ALA B 343 26.13 22.82 -19.96
N ASP B 344 27.10 22.90 -19.04
CA ASP B 344 27.04 23.79 -17.87
C ASP B 344 25.68 23.75 -17.16
N LEU B 345 25.25 22.57 -16.73
CA LEU B 345 23.98 22.44 -16.03
C LEU B 345 24.05 23.04 -14.64
N GLN B 346 25.27 23.27 -14.15
CA GLN B 346 25.46 23.89 -12.84
C GLN B 346 25.08 25.36 -13.01
N GLY B 347 25.41 25.91 -14.18
CA GLY B 347 25.08 27.29 -14.43
C GLY B 347 23.56 27.42 -14.50
N ASP B 348 22.91 26.37 -15.03
CA ASP B 348 21.47 26.42 -15.12
C ASP B 348 20.87 26.26 -13.73
N TYR B 349 21.47 25.40 -12.93
CA TYR B 349 20.99 25.13 -11.58
C TYR B 349 21.08 26.34 -10.67
N VAL B 350 22.21 27.03 -10.70
CA VAL B 350 22.42 28.21 -9.87
C VAL B 350 21.33 29.23 -10.18
N ALA B 351 21.12 29.47 -11.48
CA ALA B 351 20.11 30.42 -11.94
C ALA B 351 18.70 30.01 -11.51
N TYR B 352 18.42 28.71 -11.60
CA TYR B 352 17.11 28.18 -11.22
C TYR B 352 16.91 28.42 -9.72
N GLU B 353 17.94 28.06 -8.95
CA GLU B 353 17.93 28.22 -7.50
C GLU B 353 17.63 29.65 -7.10
N ALA B 354 18.25 30.59 -7.79
CA ALA B 354 18.05 32.01 -7.51
C ALA B 354 16.62 32.42 -7.84
N ALA B 355 16.11 31.93 -8.96
CA ALA B 355 14.74 32.24 -9.38
C ALA B 355 13.74 31.72 -8.35
N VAL B 356 14.00 30.52 -7.83
CA VAL B 356 13.13 29.93 -6.81
C VAL B 356 13.19 30.76 -5.53
N ALA B 357 14.40 31.03 -5.05
CA ALA B 357 14.59 31.80 -3.83
C ALA B 357 13.80 33.11 -3.91
N GLU B 358 13.85 33.74 -5.08
CA GLU B 358 13.14 34.98 -5.31
C GLU B 358 11.63 34.86 -5.11
N GLN B 359 11.01 33.82 -5.67
CA GLN B 359 9.56 33.66 -5.51
C GLN B 359 9.20 33.28 -4.09
N VAL B 360 9.99 32.37 -3.51
CA VAL B 360 9.72 31.93 -2.15
C VAL B 360 9.66 33.16 -1.22
N LYS B 361 10.67 34.02 -1.32
CA LYS B 361 10.72 35.21 -0.50
C LYS B 361 9.48 36.07 -0.66
N GLU B 362 9.06 36.31 -1.90
CA GLU B 362 7.88 37.12 -2.13
C GLU B 362 6.59 36.45 -1.66
N LEU B 363 6.53 35.11 -1.74
CA LEU B 363 5.35 34.40 -1.27
C LEU B 363 5.28 34.40 0.25
N ILE B 364 6.44 34.26 0.90
CA ILE B 364 6.50 34.27 2.35
C ILE B 364 6.09 35.63 2.91
N GLU B 365 6.38 36.69 2.17
CA GLU B 365 6.00 38.03 2.60
C GLU B 365 4.48 38.18 2.52
N LYS B 366 3.90 37.62 1.46
CA LYS B 366 2.45 37.68 1.27
C LYS B 366 1.78 36.93 2.42
N LEU B 367 2.41 35.84 2.85
CA LEU B 367 1.88 35.04 3.94
C LEU B 367 1.94 35.81 5.25
N ARG B 368 3.13 36.34 5.54
CA ARG B 368 3.42 37.09 6.76
C ARG B 368 2.45 38.24 7.09
N LEU B 369 1.86 38.84 6.07
CA LEU B 369 0.94 39.95 6.27
C LEU B 369 -0.29 39.53 7.07
N CYS B 370 -0.74 38.30 6.86
CA CYS B 370 -1.92 37.79 7.56
C CYS B 370 -1.59 36.70 8.58
N SER B 371 -0.45 36.04 8.39
CA SER B 371 -0.06 34.95 9.28
C SER B 371 1.43 34.99 9.64
N PRO B 372 1.83 35.94 10.51
CA PRO B 372 3.24 36.06 10.91
C PRO B 372 3.85 34.80 11.55
N GLY B 373 3.10 34.17 12.46
CA GLY B 373 3.61 32.97 13.10
C GLY B 373 3.85 31.84 12.09
N PHE B 374 2.89 31.62 11.22
CA PHE B 374 3.00 30.58 10.20
C PHE B 374 4.11 30.86 9.21
N ALA B 375 4.19 32.13 8.77
CA ALA B 375 5.20 32.56 7.82
C ALA B 375 6.59 32.29 8.38
N ALA B 376 6.71 32.43 9.70
CA ALA B 376 7.99 32.20 10.35
C ALA B 376 8.38 30.73 10.26
N SER B 377 7.43 29.83 10.51
CA SER B 377 7.73 28.40 10.44
C SER B 377 8.05 27.98 9.00
N VAL B 378 7.42 28.63 8.02
CA VAL B 378 7.67 28.32 6.62
C VAL B 378 9.11 28.76 6.28
N GLU B 379 9.57 29.84 6.90
CA GLU B 379 10.92 30.33 6.69
C GLU B 379 11.91 29.28 7.17
N THR B 380 11.62 28.72 8.34
CA THR B 380 12.46 27.70 8.95
C THR B 380 12.57 26.48 8.05
N LEU B 381 11.45 26.10 7.45
CA LEU B 381 11.43 24.96 6.53
C LEU B 381 12.29 25.32 5.32
N TRP B 382 12.10 26.53 4.81
CA TRP B 382 12.87 27.00 3.66
C TRP B 382 14.36 26.89 4.00
N GLY B 383 14.70 27.23 5.24
CA GLY B 383 16.08 27.18 5.68
C GLY B 383 16.65 25.77 5.65
N LYS B 384 15.80 24.77 5.83
CA LYS B 384 16.26 23.38 5.80
C LYS B 384 16.33 22.91 4.36
N THR B 385 15.78 23.70 3.45
CA THR B 385 15.74 23.35 2.04
C THR B 385 16.81 24.06 1.20
N TYR B 386 16.77 25.40 1.24
CA TYR B 386 17.69 26.23 0.48
C TYR B 386 19.16 25.81 0.61
N LYS B 387 19.76 25.47 -0.53
CA LYS B 387 21.15 25.05 -0.56
C LYS B 387 21.46 23.92 0.44
N ARG B 388 20.50 23.02 0.63
CA ARG B 388 20.71 21.89 1.53
C ARG B 388 21.88 21.11 0.96
N GLN B 389 22.71 20.56 1.85
CA GLN B 389 23.85 19.75 1.43
C GLN B 389 23.35 18.31 1.47
N LYS B 390 22.29 18.14 2.26
CA LYS B 390 21.61 16.85 2.49
C LYS B 390 22.53 15.64 2.52
#